data_6TW5
#
_entry.id   6TW5
#
_cell.length_a   57.472
_cell.length_b   121.655
_cell.length_c   178.371
_cell.angle_alpha   90.000
_cell.angle_beta   90.000
_cell.angle_gamma   90.000
#
_symmetry.space_group_name_H-M   'P 21 21 21'
#
loop_
_entity.id
_entity.type
_entity.pdbx_description
1 polymer 'Glycylpeptide N-tetradecanoyltransferase'
2 non-polymer 1-[5-[4-fluoranyl-2-[2-(1,3,5-trimethylpyrazol-4-yl)ethoxy]phenyl]-2~{H}-indazol-3-yl]-~{N},~{N}-dimethyl-methanamine
3 non-polymer TETRADECANOYL-COA
4 non-polymer 'MAGNESIUM ION'
5 non-polymer 'DIMETHYL SULFOXIDE'
6 non-polymer 'CHLORIDE ION'
7 non-polymer 'SULFATE ION'
8 water water
#
_entity_poly.entity_id   1
_entity_poly.type   'polypeptide(L)'
_entity_poly.pdbx_seq_one_letter_code
;GPHMDYKFWYTQPVPKINDEFNESVNEPFISDNKVEDVRKDEYKLPPGYSWYVCDVKDEKDRSEIYTLLTDNYVEDDDNI
FRFNYSAEFLLWALTSPNYLKTWHIGVKYDASNKLIGFISAIPTDICIHKRTIKMAEVNFLCVHKTLRSKRLAPVLIKEI
TRRINLENIWQAIYTAGVYLPKPVSDARYYHRSINVKKLIEIGFSSLNSRLTMSRAIKLYRVEDTLNIKNMRLMKKKDVE
GVHKLLGSYLEQFNLYAVFTKEEIAHWFLPIENVIYTYVNEENGKIKDMISFYSLPSQILGNDKYSTLNAAYSFYNVTTT
ATFKQLMQDAILLAKRNNFDVFNALEVMQNKSVFEDLKFGEGDGSLKYYLYNWKCASFAPAHVGIVLL
;
_entity_poly.pdbx_strand_id   AAA,BBB,CCC
#
# COMPACT_ATOMS: atom_id res chain seq x y z
N ASP A 5 -10.19 -31.22 27.27
CA ASP A 5 -9.71 -30.63 28.54
C ASP A 5 -8.39 -29.90 28.36
N TYR A 6 -7.55 -30.34 27.40
CA TYR A 6 -6.18 -29.83 27.21
C TYR A 6 -5.42 -29.72 28.54
N LYS A 7 -5.28 -30.86 29.22
CA LYS A 7 -4.63 -30.90 30.52
C LYS A 7 -3.15 -30.49 30.40
N PHE A 8 -2.48 -30.83 29.28
CA PHE A 8 -1.12 -30.36 29.13
C PHE A 8 -1.12 -28.88 28.70
N TRP A 9 -1.85 -28.58 27.62
CA TRP A 9 -1.74 -27.25 27.05
C TRP A 9 -2.13 -26.13 28.01
N TYR A 10 -3.08 -26.44 28.92
CA TYR A 10 -3.49 -25.40 29.86
CA TYR A 10 -3.54 -25.54 29.98
C TYR A 10 -2.41 -25.08 30.90
N THR A 11 -1.36 -25.93 31.05
CA THR A 11 -0.23 -25.55 31.90
C THR A 11 0.78 -24.64 31.19
N GLN A 12 0.59 -24.40 29.88
CA GLN A 12 1.59 -23.70 29.08
C GLN A 12 1.17 -22.23 28.93
N PRO A 13 2.13 -21.33 28.57
CA PRO A 13 1.79 -19.94 28.25
C PRO A 13 1.22 -19.74 26.85
N VAL A 14 0.01 -20.23 26.63
CA VAL A 14 -0.75 -20.10 25.40
C VAL A 14 -2.15 -19.66 25.83
N PRO A 15 -2.97 -19.17 24.87
CA PRO A 15 -4.30 -18.64 25.21
C PRO A 15 -5.21 -19.77 25.65
N LYS A 16 -6.09 -19.50 26.62
CA LYS A 16 -7.18 -20.44 26.85
C LYS A 16 -8.15 -20.37 25.68
N ILE A 17 -8.98 -21.42 25.51
CA ILE A 17 -9.90 -21.54 24.40
C ILE A 17 -10.79 -20.31 24.25
N ASN A 18 -11.15 -19.66 25.36
CA ASN A 18 -12.08 -18.55 25.25
C ASN A 18 -11.39 -17.20 25.26
N ASP A 19 -10.04 -17.18 25.27
CA ASP A 19 -9.28 -15.93 25.32
C ASP A 19 -9.43 -15.18 23.99
N GLU A 20 -9.69 -13.86 24.07
CA GLU A 20 -9.77 -13.01 22.90
C GLU A 20 -9.12 -11.67 23.23
N PHE A 21 -8.14 -11.27 22.43
CA PHE A 21 -7.41 -10.04 22.69
C PHE A 21 -7.61 -9.08 21.54
N ASN A 22 -7.67 -7.78 21.87
CA ASN A 22 -7.80 -6.80 20.82
C ASN A 22 -6.43 -6.41 20.25
N GLU A 23 -6.46 -5.57 19.21
CA GLU A 23 -5.23 -5.19 18.50
CA GLU A 23 -5.23 -5.19 18.50
C GLU A 23 -4.28 -4.36 19.36
N SER A 24 -4.77 -3.88 20.50
CA SER A 24 -3.87 -3.13 21.37
C SER A 24 -2.97 -4.07 22.18
N VAL A 25 -3.22 -5.39 22.10
CA VAL A 25 -2.44 -6.33 22.89
C VAL A 25 -1.54 -7.10 21.94
N ASN A 26 -0.22 -7.07 22.21
CA ASN A 26 0.73 -7.76 21.35
C ASN A 26 2.02 -7.94 22.14
N GLU A 27 2.08 -9.00 22.96
CA GLU A 27 3.13 -9.12 23.95
C GLU A 27 3.16 -10.53 24.49
N PRO A 28 4.23 -10.94 25.19
CA PRO A 28 4.26 -12.28 25.81
C PRO A 28 3.20 -12.51 26.88
N PHE A 29 2.87 -13.79 27.12
CA PHE A 29 2.15 -14.16 28.33
C PHE A 29 3.07 -14.01 29.52
N ILE A 30 4.34 -14.43 29.35
CA ILE A 30 5.29 -14.37 30.44
C ILE A 30 6.53 -13.65 29.94
N SER A 31 6.84 -12.50 30.58
CA SER A 31 7.92 -11.61 30.21
CA SER A 31 7.97 -11.72 30.15
C SER A 31 9.07 -11.74 31.22
N ASP A 32 10.19 -11.08 30.93
CA ASP A 32 11.30 -11.00 31.89
C ASP A 32 11.78 -12.39 32.31
N ASN A 33 11.87 -13.29 31.35
CA ASN A 33 12.41 -14.62 31.56
C ASN A 33 13.93 -14.51 31.67
N LYS A 34 14.53 -15.46 32.38
CA LYS A 34 15.97 -15.44 32.65
C LYS A 34 16.59 -16.78 32.27
N VAL A 35 17.58 -16.74 31.34
CA VAL A 35 18.30 -17.92 30.93
C VAL A 35 18.90 -18.63 32.14
N GLU A 36 19.40 -17.86 33.12
CA GLU A 36 20.07 -18.48 34.25
CA GLU A 36 20.07 -18.50 34.23
C GLU A 36 19.13 -19.40 35.04
N ASP A 37 17.80 -19.19 34.90
CA ASP A 37 16.84 -19.94 35.71
C ASP A 37 16.37 -21.23 35.00
N VAL A 38 16.71 -21.39 33.71
CA VAL A 38 16.21 -22.51 32.91
C VAL A 38 16.77 -23.82 33.46
N ARG A 39 15.92 -24.84 33.54
CA ARG A 39 16.33 -26.17 33.97
C ARG A 39 17.50 -26.66 33.13
N LYS A 40 18.53 -27.24 33.79
CA LYS A 40 19.71 -27.73 33.09
CA LYS A 40 19.71 -27.73 33.09
C LYS A 40 19.63 -29.24 32.86
N ASP A 41 18.65 -29.87 33.52
CA ASP A 41 18.44 -31.32 33.45
C ASP A 41 17.47 -31.65 32.32
N GLU A 42 17.78 -32.68 31.55
CA GLU A 42 16.88 -33.18 30.51
C GLU A 42 15.61 -33.70 31.18
N TYR A 43 14.46 -33.50 30.51
CA TYR A 43 13.20 -34.09 31.00
C TYR A 43 13.33 -35.60 31.07
N LYS A 44 12.58 -36.19 32.00
CA LYS A 44 12.63 -37.62 32.21
C LYS A 44 11.73 -38.36 31.22
N LEU A 45 12.28 -39.43 30.64
CA LEU A 45 11.53 -40.29 29.74
C LEU A 45 11.12 -41.54 30.51
N PRO A 46 10.16 -42.30 29.98
CA PRO A 46 9.79 -43.57 30.61
C PRO A 46 10.99 -44.53 30.60
N PRO A 47 11.04 -45.49 31.55
CA PRO A 47 12.13 -46.47 31.58
C PRO A 47 12.36 -47.16 30.22
N GLY A 48 13.62 -47.25 29.79
CA GLY A 48 13.98 -47.99 28.60
C GLY A 48 14.14 -47.09 27.38
N TYR A 49 13.92 -45.78 27.58
CA TYR A 49 14.02 -44.82 26.49
C TYR A 49 15.01 -43.72 26.85
N SER A 50 15.71 -43.21 25.82
CA SER A 50 16.75 -42.20 25.99
C SER A 50 16.68 -41.10 24.94
N TRP A 51 17.06 -39.89 25.35
CA TRP A 51 17.31 -38.83 24.38
C TRP A 51 18.45 -39.18 23.44
N TYR A 52 18.37 -38.67 22.20
CA TYR A 52 19.46 -38.86 21.26
C TYR A 52 19.61 -37.57 20.47
N VAL A 53 20.84 -37.07 20.27
CA VAL A 53 20.94 -35.86 19.46
C VAL A 53 21.26 -36.29 18.03
N CYS A 54 20.31 -35.96 17.16
CA CYS A 54 20.39 -36.44 15.79
C CYS A 54 21.32 -35.51 15.00
N ASP A 55 22.21 -36.11 14.18
CA ASP A 55 23.03 -35.33 13.27
C ASP A 55 22.45 -35.37 11.87
N VAL A 56 21.63 -34.36 11.52
CA VAL A 56 20.92 -34.43 10.25
CA VAL A 56 20.92 -34.41 10.24
C VAL A 56 21.87 -34.34 9.04
N LYS A 57 23.10 -33.87 9.27
CA LYS A 57 24.07 -33.83 8.19
C LYS A 57 24.76 -35.18 8.00
N ASP A 58 24.56 -36.10 8.95
CA ASP A 58 25.05 -37.46 8.76
C ASP A 58 23.99 -38.25 7.99
N GLU A 59 24.37 -38.88 6.87
CA GLU A 59 23.39 -39.62 6.06
C GLU A 59 22.65 -40.67 6.90
N LYS A 60 23.35 -41.39 7.77
CA LYS A 60 22.70 -42.51 8.46
C LYS A 60 21.73 -42.03 9.53
N ASP A 61 22.12 -41.00 10.29
CA ASP A 61 21.17 -40.45 11.24
C ASP A 61 19.98 -39.84 10.51
N ARG A 62 20.25 -39.16 9.40
CA ARG A 62 19.18 -38.54 8.61
C ARG A 62 18.21 -39.60 8.08
N SER A 63 18.77 -40.74 7.65
N SER A 63 18.76 -40.74 7.64
CA SER A 63 17.97 -41.87 7.17
CA SER A 63 17.93 -41.85 7.15
C SER A 63 17.07 -42.44 8.26
C SER A 63 17.06 -42.44 8.27
N GLU A 64 17.54 -42.42 9.51
CA GLU A 64 16.76 -42.91 10.62
C GLU A 64 15.54 -42.00 10.86
N ILE A 65 15.75 -40.67 10.77
CA ILE A 65 14.61 -39.77 10.92
C ILE A 65 13.66 -39.97 9.73
N TYR A 66 14.22 -40.12 8.54
CA TYR A 66 13.40 -40.35 7.35
C TYR A 66 12.49 -41.58 7.55
N THR A 67 13.06 -42.68 8.01
CA THR A 67 12.26 -43.90 8.22
C THR A 67 11.14 -43.68 9.24
N LEU A 68 11.50 -43.04 10.36
CA LEU A 68 10.53 -42.77 11.40
C LEU A 68 9.34 -41.98 10.80
N LEU A 69 9.65 -40.91 10.03
CA LEU A 69 8.56 -40.09 9.50
C LEU A 69 7.78 -40.81 8.40
N THR A 70 8.50 -41.54 7.52
CA THR A 70 7.82 -42.22 6.43
C THR A 70 6.75 -43.15 7.00
N ASP A 71 7.06 -43.86 8.11
CA ASP A 71 6.12 -44.83 8.64
C ASP A 71 5.15 -44.25 9.68
N ASN A 72 5.42 -43.07 10.24
CA ASN A 72 4.69 -42.65 11.42
C ASN A 72 4.30 -41.17 11.44
N TYR A 73 4.47 -40.45 10.31
CA TYR A 73 4.15 -39.02 10.38
C TYR A 73 2.70 -38.76 10.00
N VAL A 74 2.40 -37.49 9.63
CA VAL A 74 1.02 -37.02 9.47
C VAL A 74 0.23 -37.78 8.42
N GLU A 75 -1.03 -38.15 8.75
CA GLU A 75 -1.96 -38.69 7.77
C GLU A 75 -3.15 -37.75 7.68
N ASP A 76 -3.81 -37.77 6.52
CA ASP A 76 -5.11 -37.09 6.44
C ASP A 76 -6.07 -37.79 7.41
N ASP A 77 -7.21 -37.13 7.70
CA ASP A 77 -8.18 -37.62 8.66
C ASP A 77 -8.79 -38.95 8.23
N ASP A 78 -8.72 -39.32 6.94
CA ASP A 78 -9.31 -40.57 6.45
CA ASP A 78 -9.31 -40.58 6.47
C ASP A 78 -8.26 -41.67 6.30
N ASN A 79 -7.00 -41.37 6.66
CA ASN A 79 -5.92 -42.37 6.59
C ASN A 79 -5.76 -42.92 5.19
N ILE A 80 -5.83 -42.00 4.21
CA ILE A 80 -5.65 -42.27 2.79
C ILE A 80 -4.19 -42.05 2.43
N PHE A 81 -3.61 -40.99 3.04
CA PHE A 81 -2.29 -40.47 2.68
C PHE A 81 -1.43 -40.33 3.93
N ARG A 82 -0.11 -40.52 3.78
CA ARG A 82 0.81 -40.16 4.84
CA ARG A 82 0.81 -40.16 4.84
C ARG A 82 1.94 -39.35 4.21
N PHE A 83 2.27 -38.20 4.78
CA PHE A 83 3.40 -37.46 4.21
C PHE A 83 4.67 -38.28 4.12
N ASN A 84 5.40 -38.08 3.03
CA ASN A 84 6.65 -38.78 2.80
C ASN A 84 7.76 -37.77 2.44
N TYR A 85 8.09 -36.90 3.37
CA TYR A 85 9.18 -35.95 3.17
C TYR A 85 10.47 -36.70 2.83
N SER A 86 11.17 -36.24 1.79
CA SER A 86 12.40 -36.97 1.41
C SER A 86 13.54 -36.67 2.38
N ALA A 87 14.56 -37.53 2.40
CA ALA A 87 15.74 -37.28 3.22
C ALA A 87 16.41 -35.97 2.84
N GLU A 88 16.51 -35.67 1.52
CA GLU A 88 17.14 -34.40 1.16
C GLU A 88 16.29 -33.22 1.63
N PHE A 89 14.94 -33.36 1.59
CA PHE A 89 14.10 -32.29 2.10
C PHE A 89 14.39 -32.04 3.59
N LEU A 90 14.47 -33.13 4.37
CA LEU A 90 14.70 -32.97 5.80
C LEU A 90 16.03 -32.25 6.02
N LEU A 91 17.05 -32.55 5.23
CA LEU A 91 18.33 -31.85 5.36
C LEU A 91 18.10 -30.33 5.18
N TRP A 92 17.42 -29.94 4.09
CA TRP A 92 17.15 -28.54 3.80
C TRP A 92 16.30 -27.85 4.88
N ALA A 93 15.27 -28.54 5.37
CA ALA A 93 14.33 -27.96 6.31
C ALA A 93 14.99 -27.70 7.65
N LEU A 94 16.05 -28.47 7.95
CA LEU A 94 16.56 -28.44 9.34
C LEU A 94 17.94 -27.76 9.45
N THR A 95 18.56 -27.37 8.33
CA THR A 95 19.92 -26.85 8.39
C THR A 95 20.01 -25.43 7.83
N SER A 96 18.94 -24.66 8.07
CA SER A 96 18.90 -23.27 7.72
C SER A 96 19.88 -22.44 8.55
N PRO A 97 20.10 -21.17 8.19
CA PRO A 97 21.16 -20.41 8.86
C PRO A 97 20.99 -20.36 10.37
N ASN A 98 22.13 -20.58 11.05
CA ASN A 98 22.20 -20.52 12.52
C ASN A 98 21.41 -21.65 13.18
N TYR A 99 21.15 -22.74 12.44
CA TYR A 99 20.46 -23.87 13.07
C TYR A 99 21.32 -24.41 14.22
N LEU A 100 20.66 -25.09 15.16
CA LEU A 100 21.36 -25.78 16.23
C LEU A 100 21.11 -27.27 16.08
N LYS A 101 22.21 -28.04 16.08
CA LYS A 101 22.09 -29.50 16.09
C LYS A 101 21.35 -29.97 17.35
N THR A 102 21.47 -29.24 18.47
CA THR A 102 20.90 -29.70 19.74
C THR A 102 19.39 -29.41 19.79
N TRP A 103 18.84 -28.82 18.71
CA TRP A 103 17.39 -28.67 18.60
C TRP A 103 16.81 -29.70 17.64
N HIS A 104 17.61 -30.74 17.30
CA HIS A 104 17.10 -31.82 16.48
C HIS A 104 17.11 -33.06 17.37
N ILE A 105 15.97 -33.35 18.02
CA ILE A 105 15.97 -34.19 19.22
CA ILE A 105 15.91 -34.18 19.23
C ILE A 105 15.23 -35.49 18.90
N GLY A 106 15.96 -36.60 19.10
CA GLY A 106 15.30 -37.91 18.94
C GLY A 106 15.10 -38.57 20.31
N VAL A 107 14.28 -39.63 20.32
CA VAL A 107 14.17 -40.53 21.47
C VAL A 107 14.35 -41.92 20.92
N LYS A 108 15.28 -42.69 21.52
CA LYS A 108 15.44 -44.09 21.11
C LYS A 108 14.90 -45.02 22.20
N TYR A 109 14.51 -46.20 21.75
CA TYR A 109 14.22 -47.32 22.62
C TYR A 109 15.55 -48.06 22.79
N ASP A 110 16.02 -48.12 24.04
CA ASP A 110 17.39 -48.52 24.33
C ASP A 110 17.62 -49.97 23.85
N ALA A 111 16.65 -50.86 24.07
CA ALA A 111 16.90 -52.29 23.79
C ALA A 111 17.11 -52.60 22.32
N SER A 112 16.46 -51.85 21.40
CA SER A 112 16.55 -52.05 19.97
C SER A 112 17.50 -51.03 19.32
N ASN A 113 17.77 -49.93 20.01
CA ASN A 113 18.55 -48.81 19.51
C ASN A 113 17.83 -48.12 18.35
N LYS A 114 16.51 -48.17 18.35
CA LYS A 114 15.70 -47.63 17.26
CA LYS A 114 15.69 -47.64 17.26
C LYS A 114 15.11 -46.29 17.67
N LEU A 115 15.10 -45.35 16.72
CA LEU A 115 14.44 -44.06 16.93
C LEU A 115 12.93 -44.25 16.95
N ILE A 116 12.29 -43.80 18.02
CA ILE A 116 10.85 -43.92 18.13
C ILE A 116 10.13 -42.60 18.25
N GLY A 117 10.89 -41.50 18.37
CA GLY A 117 10.25 -40.20 18.48
C GLY A 117 11.23 -39.12 18.06
N PHE A 118 10.69 -37.97 17.64
CA PHE A 118 11.49 -36.87 17.10
C PHE A 118 10.73 -35.55 17.33
N ILE A 119 11.51 -34.47 17.51
CA ILE A 119 10.94 -33.12 17.39
C ILE A 119 12.07 -32.21 16.95
N SER A 120 11.73 -31.11 16.24
CA SER A 120 12.80 -30.21 15.81
C SER A 120 12.40 -28.74 15.91
N ALA A 121 13.43 -27.88 15.99
CA ALA A 121 13.20 -26.45 15.87
C ALA A 121 14.35 -25.84 15.09
N ILE A 122 14.04 -24.76 14.35
CA ILE A 122 15.05 -23.89 13.78
C ILE A 122 14.77 -22.45 14.21
N PRO A 123 15.78 -21.59 14.30
CA PRO A 123 15.57 -20.20 14.71
C PRO A 123 15.20 -19.31 13.53
N THR A 124 14.27 -18.36 13.77
CA THR A 124 13.83 -17.44 12.72
CA THR A 124 13.81 -17.46 12.72
C THR A 124 13.33 -16.16 13.38
N ASP A 125 13.52 -15.02 12.70
CA ASP A 125 12.91 -13.78 13.18
CA ASP A 125 12.93 -13.78 13.19
C ASP A 125 11.49 -13.70 12.66
N ILE A 126 10.52 -13.51 13.55
CA ILE A 126 9.11 -13.54 13.15
C ILE A 126 8.54 -12.17 13.51
N CYS A 127 7.88 -11.56 12.52
CA CYS A 127 7.17 -10.29 12.72
C CYS A 127 5.68 -10.56 12.92
N ILE A 128 5.19 -10.28 14.14
CA ILE A 128 3.78 -10.49 14.52
C ILE A 128 3.18 -9.11 14.85
N HIS A 129 2.17 -8.71 14.06
CA HIS A 129 1.56 -7.39 14.24
CA HIS A 129 1.56 -7.39 14.25
C HIS A 129 2.64 -6.31 14.38
N LYS A 130 3.63 -6.31 13.47
CA LYS A 130 4.64 -5.27 13.31
C LYS A 130 5.74 -5.31 14.39
N ARG A 131 5.73 -6.28 15.30
CA ARG A 131 6.85 -6.42 16.24
C ARG A 131 7.68 -7.63 15.86
N THR A 132 9.00 -7.47 15.74
CA THR A 132 9.85 -8.58 15.32
C THR A 132 10.47 -9.23 16.53
N ILE A 133 10.36 -10.56 16.61
CA ILE A 133 10.74 -11.33 17.80
C ILE A 133 11.61 -12.50 17.33
N LYS A 134 12.72 -12.80 18.01
CA LYS A 134 13.45 -14.03 17.73
CA LYS A 134 13.45 -14.02 17.74
C LYS A 134 12.64 -15.21 18.25
N MET A 135 12.35 -16.15 17.36
CA MET A 135 11.50 -17.27 17.72
C MET A 135 12.15 -18.58 17.27
N ALA A 136 11.65 -19.67 17.80
CA ALA A 136 11.92 -21.00 17.21
C ALA A 136 10.71 -21.43 16.37
N GLU A 137 10.97 -22.05 15.19
CA GLU A 137 9.93 -22.65 14.38
C GLU A 137 9.98 -24.14 14.66
N VAL A 138 8.88 -24.72 15.19
CA VAL A 138 8.87 -26.12 15.62
C VAL A 138 8.15 -26.95 14.56
N ASN A 139 8.72 -28.14 14.26
CA ASN A 139 8.21 -28.94 13.17
C ASN A 139 8.70 -30.38 13.34
N PHE A 140 8.01 -31.31 12.66
CA PHE A 140 8.40 -32.72 12.61
C PHE A 140 8.25 -33.43 13.97
N LEU A 141 7.31 -32.99 14.80
CA LEU A 141 7.00 -33.76 16.02
C LEU A 141 6.38 -35.10 15.59
N CYS A 142 6.97 -36.19 16.05
CA CYS A 142 6.49 -37.51 15.64
C CYS A 142 6.73 -38.50 16.77
N VAL A 143 5.68 -39.28 17.10
CA VAL A 143 5.84 -40.44 17.99
C VAL A 143 5.46 -41.70 17.20
N HIS A 144 6.27 -42.76 17.32
CA HIS A 144 5.94 -44.01 16.62
C HIS A 144 4.49 -44.40 16.88
N LYS A 145 3.84 -44.98 15.84
CA LYS A 145 2.46 -45.44 15.96
C LYS A 145 2.22 -46.41 17.12
N THR A 146 3.23 -47.22 17.48
CA THR A 146 3.04 -48.22 18.53
C THR A 146 3.07 -47.60 19.91
N LEU A 147 3.44 -46.30 20.04
CA LEU A 147 3.60 -45.67 21.34
C LEU A 147 2.67 -44.45 21.52
N ARG A 148 1.57 -44.41 20.76
CA ARG A 148 0.68 -43.26 20.82
C ARG A 148 -0.16 -43.26 22.11
N SER A 149 -0.56 -42.06 22.51
CA SER A 149 -1.44 -41.78 23.63
C SER A 149 -0.80 -42.22 24.94
N LYS A 150 0.53 -42.12 25.05
CA LYS A 150 1.26 -42.40 26.27
C LYS A 150 1.87 -41.14 26.89
N ARG A 151 1.47 -39.97 26.37
CA ARG A 151 1.92 -38.68 26.91
C ARG A 151 3.41 -38.48 26.66
N LEU A 152 3.93 -39.08 25.57
CA LEU A 152 5.29 -38.75 25.15
C LEU A 152 5.37 -37.38 24.48
N ALA A 153 4.32 -36.96 23.75
CA ALA A 153 4.43 -35.69 23.01
C ALA A 153 4.69 -34.52 23.97
N PRO A 154 4.03 -34.38 25.13
CA PRO A 154 4.38 -33.30 26.06
C PRO A 154 5.83 -33.37 26.54
N VAL A 155 6.40 -34.56 26.67
CA VAL A 155 7.81 -34.65 27.07
C VAL A 155 8.71 -34.07 25.97
N LEU A 156 8.44 -34.42 24.69
CA LEU A 156 9.19 -33.85 23.59
C LEU A 156 9.02 -32.33 23.52
N ILE A 157 7.79 -31.85 23.75
CA ILE A 157 7.54 -30.41 23.71
C ILE A 157 8.27 -29.71 24.84
N LYS A 158 8.16 -30.26 26.08
CA LYS A 158 8.82 -29.57 27.19
C LYS A 158 10.35 -29.57 27.00
N GLU A 159 10.90 -30.67 26.48
CA GLU A 159 12.36 -30.79 26.28
C GLU A 159 12.86 -29.78 25.22
N ILE A 160 12.14 -29.63 24.08
CA ILE A 160 12.62 -28.66 23.11
CA ILE A 160 12.61 -28.66 23.10
C ILE A 160 12.43 -27.23 23.64
N THR A 161 11.35 -27.03 24.42
CA THR A 161 11.14 -25.68 24.98
C THR A 161 12.35 -25.32 25.85
N ARG A 162 12.77 -26.26 26.71
CA ARG A 162 13.90 -26.03 27.60
C ARG A 162 15.15 -25.68 26.76
N ARG A 163 15.42 -26.46 25.72
CA ARG A 163 16.64 -26.23 24.92
C ARG A 163 16.57 -24.90 24.17
N ILE A 164 15.36 -24.44 23.79
CA ILE A 164 15.21 -23.17 23.09
C ILE A 164 15.39 -22.03 24.10
N ASN A 165 14.86 -22.22 25.30
CA ASN A 165 15.00 -21.22 26.36
C ASN A 165 16.47 -21.03 26.78
N LEU A 166 17.29 -22.09 26.71
CA LEU A 166 18.71 -21.89 26.98
C LEU A 166 19.38 -20.88 26.04
N GLU A 167 18.80 -20.70 24.85
CA GLU A 167 19.33 -19.76 23.86
C GLU A 167 18.72 -18.38 24.03
N ASN A 168 18.00 -18.14 25.14
CA ASN A 168 17.38 -16.86 25.43
C ASN A 168 16.29 -16.56 24.42
N ILE A 169 15.56 -17.62 24.00
CA ILE A 169 14.44 -17.51 23.08
C ILE A 169 13.20 -18.03 23.82
N TRP A 170 12.12 -17.21 23.80
CA TRP A 170 11.00 -17.43 24.70
C TRP A 170 9.67 -17.50 23.95
N GLN A 171 9.72 -17.45 22.62
CA GLN A 171 8.55 -17.52 21.76
C GLN A 171 8.79 -18.56 20.67
N ALA A 172 7.69 -19.17 20.16
CA ALA A 172 7.83 -20.09 19.03
C ALA A 172 6.63 -19.93 18.14
N ILE A 173 6.82 -20.37 16.90
CA ILE A 173 5.72 -20.49 15.94
C ILE A 173 5.61 -21.94 15.52
N TYR A 174 4.39 -22.41 15.31
CA TYR A 174 4.14 -23.79 14.87
C TYR A 174 2.78 -23.86 14.18
N THR A 175 2.64 -24.87 13.33
CA THR A 175 1.36 -25.12 12.68
C THR A 175 0.99 -26.58 12.90
N ALA A 176 -0.31 -26.85 12.85
CA ALA A 176 -0.75 -28.25 12.91
C ALA A 176 -2.14 -28.28 12.29
N GLY A 177 -2.57 -29.48 11.86
CA GLY A 177 -3.92 -29.62 11.35
C GLY A 177 -4.94 -29.84 12.46
N VAL A 178 -4.48 -30.21 13.64
CA VAL A 178 -5.35 -30.39 14.80
C VAL A 178 -5.60 -29.05 15.50
N TYR A 179 -6.77 -28.93 16.13
CA TYR A 179 -7.12 -27.75 16.89
C TYR A 179 -6.55 -27.86 18.30
N LEU A 180 -5.76 -26.86 18.69
CA LEU A 180 -5.14 -26.76 20.01
C LEU A 180 -5.37 -25.33 20.53
N PRO A 181 -5.20 -25.06 21.83
CA PRO A 181 -5.28 -23.69 22.31
C PRO A 181 -4.06 -22.88 21.89
N LYS A 182 -4.24 -21.76 21.17
CA LYS A 182 -5.44 -21.38 20.43
C LYS A 182 -4.93 -20.72 19.15
N PRO A 183 -5.50 -20.99 17.96
CA PRO A 183 -4.89 -20.49 16.72
C PRO A 183 -4.90 -18.96 16.66
N VAL A 184 -3.80 -18.41 16.12
CA VAL A 184 -3.77 -17.00 15.72
CA VAL A 184 -3.76 -17.01 15.72
C VAL A 184 -4.43 -16.80 14.34
N SER A 185 -4.42 -17.88 13.54
CA SER A 185 -5.11 -17.88 12.26
C SER A 185 -5.39 -19.32 11.84
N ASP A 186 -6.33 -19.54 10.92
CA ASP A 186 -6.71 -20.89 10.49
C ASP A 186 -6.93 -20.82 8.99
N ALA A 187 -6.15 -21.61 8.21
CA ALA A 187 -6.21 -21.52 6.75
C ALA A 187 -6.60 -22.87 6.14
N ARG A 188 -7.73 -22.91 5.41
CA ARG A 188 -8.03 -24.09 4.61
C ARG A 188 -7.02 -24.27 3.47
N TYR A 189 -6.78 -25.53 3.10
CA TYR A 189 -6.02 -25.82 1.90
C TYR A 189 -6.92 -26.22 0.73
N TYR A 190 -6.38 -25.96 -0.45
CA TYR A 190 -7.07 -26.15 -1.73
C TYR A 190 -6.10 -26.88 -2.65
N HIS A 191 -6.65 -27.55 -3.68
CA HIS A 191 -5.86 -28.42 -4.53
C HIS A 191 -6.21 -28.11 -5.98
N ARG A 192 -5.20 -28.00 -6.84
CA ARG A 192 -5.45 -27.83 -8.28
C ARG A 192 -4.92 -29.07 -9.00
N SER A 193 -5.85 -29.88 -9.55
CA SER A 193 -5.47 -31.10 -10.22
C SER A 193 -4.57 -30.83 -11.41
N ILE A 194 -3.51 -31.64 -11.56
CA ILE A 194 -2.67 -31.59 -12.76
C ILE A 194 -2.79 -32.90 -13.54
N ASN A 195 -2.57 -34.02 -12.87
CA ASN A 195 -2.69 -35.36 -13.44
CA ASN A 195 -2.69 -35.36 -13.45
C ASN A 195 -4.03 -35.95 -13.01
N VAL A 196 -5.09 -35.57 -13.74
CA VAL A 196 -6.50 -35.80 -13.46
CA VAL A 196 -6.41 -35.81 -13.18
C VAL A 196 -6.77 -37.29 -13.25
N LYS A 197 -6.32 -38.04 -14.25
CA LYS A 197 -6.61 -39.48 -14.29
C LYS A 197 -6.06 -40.18 -13.05
N LYS A 198 -4.78 -39.93 -12.72
CA LYS A 198 -4.21 -40.52 -11.50
C LYS A 198 -5.06 -40.10 -10.29
N LEU A 199 -5.41 -38.81 -10.18
CA LEU A 199 -6.17 -38.39 -8.99
C LEU A 199 -7.55 -39.07 -8.90
N ILE A 200 -8.17 -39.36 -10.06
N ILE A 200 -8.15 -39.40 -10.04
CA ILE A 200 -9.42 -40.11 -10.14
CA ILE A 200 -9.43 -40.10 -9.99
C ILE A 200 -9.18 -41.52 -9.63
C ILE A 200 -9.20 -41.57 -9.63
N GLU A 201 -8.14 -42.15 -10.17
CA GLU A 201 -7.82 -43.55 -9.90
C GLU A 201 -7.55 -43.83 -8.41
N ILE A 202 -6.98 -42.84 -7.68
CA ILE A 202 -6.70 -43.05 -6.26
C ILE A 202 -7.84 -42.52 -5.38
N GLY A 203 -8.87 -41.94 -5.98
CA GLY A 203 -10.07 -41.54 -5.24
C GLY A 203 -10.00 -40.11 -4.70
N PHE A 204 -8.92 -39.41 -5.01
CA PHE A 204 -8.74 -38.03 -4.59
C PHE A 204 -9.74 -37.11 -5.28
N SER A 205 -9.93 -37.29 -6.58
CA SER A 205 -10.89 -36.53 -7.37
C SER A 205 -12.00 -37.47 -7.84
N SER A 206 -13.14 -36.89 -8.24
CA SER A 206 -14.35 -37.66 -8.54
C SER A 206 -14.87 -37.33 -9.93
N LEU A 207 -15.56 -38.32 -10.53
CA LEU A 207 -16.33 -38.15 -11.77
C LEU A 207 -17.83 -38.31 -11.51
N ASN A 208 -18.62 -37.92 -12.51
CA ASN A 208 -20.07 -38.11 -12.47
C ASN A 208 -20.62 -38.19 -13.91
N SER A 209 -21.94 -38.34 -14.01
CA SER A 209 -22.62 -38.51 -15.29
C SER A 209 -22.18 -37.42 -16.27
N ARG A 210 -22.13 -36.18 -15.77
CA ARG A 210 -21.77 -35.02 -16.58
C ARG A 210 -20.25 -35.00 -16.80
N LEU A 211 -19.50 -35.12 -15.70
CA LEU A 211 -18.05 -35.07 -15.79
C LEU A 211 -17.48 -36.47 -15.95
N THR A 212 -17.43 -36.94 -17.20
CA THR A 212 -16.83 -38.22 -17.56
C THR A 212 -15.30 -38.08 -17.48
N MET A 213 -14.60 -39.20 -17.60
CA MET A 213 -13.13 -39.16 -17.57
C MET A 213 -12.54 -38.22 -18.63
N SER A 214 -13.01 -38.31 -19.89
CA SER A 214 -12.47 -37.43 -20.92
C SER A 214 -12.78 -35.97 -20.58
N ARG A 215 -13.96 -35.70 -20.00
CA ARG A 215 -14.32 -34.32 -19.76
C ARG A 215 -13.48 -33.73 -18.64
N ALA A 216 -13.18 -34.56 -17.63
CA ALA A 216 -12.38 -34.11 -16.49
C ALA A 216 -10.97 -33.76 -16.98
N ILE A 217 -10.41 -34.62 -17.84
CA ILE A 217 -9.07 -34.38 -18.38
C ILE A 217 -9.07 -33.06 -19.16
N LYS A 218 -10.12 -32.77 -19.94
CA LYS A 218 -10.19 -31.53 -20.70
CA LYS A 218 -10.15 -31.54 -20.70
C LYS A 218 -10.32 -30.33 -19.75
N LEU A 219 -11.08 -30.49 -18.67
CA LEU A 219 -11.32 -29.36 -17.78
C LEU A 219 -10.00 -28.82 -17.22
N TYR A 220 -9.10 -29.73 -16.87
CA TYR A 220 -7.88 -29.36 -16.15
C TYR A 220 -6.68 -29.19 -17.08
N ARG A 221 -6.89 -29.31 -18.40
CA ARG A 221 -5.80 -29.14 -19.37
CA ARG A 221 -5.80 -29.14 -19.37
C ARG A 221 -5.18 -27.74 -19.24
N VAL A 222 -3.85 -27.67 -19.39
CA VAL A 222 -3.22 -26.36 -19.41
C VAL A 222 -2.34 -26.15 -20.66
N GLU A 223 -2.25 -24.88 -21.10
CA GLU A 223 -1.40 -24.53 -22.22
C GLU A 223 0.04 -24.47 -21.71
N ASP A 224 0.94 -25.09 -22.45
CA ASP A 224 2.33 -25.18 -22.04
C ASP A 224 3.08 -23.91 -22.46
N THR A 225 2.55 -22.73 -22.11
CA THR A 225 3.23 -21.49 -22.45
C THR A 225 3.05 -20.53 -21.27
N LEU A 226 4.15 -19.95 -20.81
CA LEU A 226 4.15 -19.09 -19.63
C LEU A 226 3.54 -17.73 -20.02
N ASN A 227 2.78 -17.18 -19.08
CA ASN A 227 2.33 -15.81 -19.12
C ASN A 227 3.52 -14.83 -19.05
N ILE A 228 4.49 -15.19 -18.21
CA ILE A 228 5.69 -14.37 -17.99
C ILE A 228 6.86 -15.11 -18.65
N LYS A 229 7.15 -14.74 -19.91
CA LYS A 229 7.96 -15.56 -20.80
C LYS A 229 9.34 -15.86 -20.26
N ASN A 230 9.93 -14.95 -19.47
CA ASN A 230 11.34 -15.12 -19.09
C ASN A 230 11.48 -15.74 -17.71
N MET A 231 10.39 -16.27 -17.13
CA MET A 231 10.43 -16.89 -15.81
CA MET A 231 10.42 -16.92 -15.82
C MET A 231 11.39 -18.08 -15.89
N ARG A 232 12.39 -18.09 -15.00
CA ARG A 232 13.49 -19.05 -15.10
C ARG A 232 13.91 -19.50 -13.70
N LEU A 233 14.58 -20.66 -13.60
CA LEU A 233 15.09 -21.08 -12.30
C LEU A 233 15.98 -20.00 -11.71
N MET A 234 15.79 -19.80 -10.40
CA MET A 234 16.64 -18.89 -9.63
C MET A 234 18.08 -19.39 -9.60
N LYS A 235 19.00 -18.41 -9.63
CA LYS A 235 20.42 -18.64 -9.55
C LYS A 235 21.00 -17.85 -8.37
N LYS A 236 22.25 -18.19 -8.01
CA LYS A 236 22.89 -17.48 -6.92
C LYS A 236 22.91 -15.96 -7.13
N LYS A 237 23.09 -15.50 -8.38
CA LYS A 237 23.16 -14.05 -8.59
C LYS A 237 21.86 -13.34 -8.22
N ASP A 238 20.76 -14.11 -8.12
CA ASP A 238 19.45 -13.50 -7.92
C ASP A 238 19.09 -13.33 -6.44
N VAL A 239 19.98 -13.73 -5.53
CA VAL A 239 19.66 -13.73 -4.12
C VAL A 239 19.31 -12.31 -3.65
N GLU A 240 20.15 -11.32 -4.00
CA GLU A 240 19.88 -9.98 -3.52
C GLU A 240 18.50 -9.49 -3.99
N GLY A 241 18.17 -9.70 -5.28
CA GLY A 241 16.92 -9.25 -5.84
C GLY A 241 15.70 -9.95 -5.24
N VAL A 242 15.83 -11.27 -5.00
CA VAL A 242 14.74 -11.99 -4.35
C VAL A 242 14.55 -11.44 -2.93
N HIS A 243 15.66 -11.17 -2.21
CA HIS A 243 15.57 -10.66 -0.86
C HIS A 243 14.81 -9.33 -0.86
N LYS A 244 15.11 -8.47 -1.85
N LYS A 244 15.10 -8.46 -1.84
CA LYS A 244 14.45 -7.18 -1.92
CA LYS A 244 14.42 -7.18 -1.88
C LYS A 244 12.97 -7.32 -2.26
C LYS A 244 12.95 -7.32 -2.26
N LEU A 245 12.66 -8.12 -3.31
CA LEU A 245 11.28 -8.26 -3.76
C LEU A 245 10.42 -8.88 -2.64
N LEU A 246 10.87 -10.02 -2.14
CA LEU A 246 10.09 -10.73 -1.12
C LEU A 246 10.03 -9.96 0.20
N GLY A 247 11.18 -9.40 0.62
CA GLY A 247 11.26 -8.71 1.90
C GLY A 247 10.27 -7.55 1.94
N SER A 248 10.12 -6.85 0.82
N SER A 248 10.16 -6.85 0.82
CA SER A 248 9.22 -5.73 0.75
CA SER A 248 9.25 -5.72 0.67
C SER A 248 7.76 -6.18 0.71
C SER A 248 7.80 -6.18 0.71
N TYR A 249 7.48 -7.24 -0.09
CA TYR A 249 6.14 -7.80 -0.18
C TYR A 249 5.59 -8.28 1.18
N LEU A 250 6.44 -8.93 1.99
CA LEU A 250 5.91 -9.59 3.16
C LEU A 250 5.51 -8.57 4.24
N GLU A 251 5.97 -7.31 4.15
CA GLU A 251 5.73 -6.36 5.23
C GLU A 251 4.26 -6.00 5.45
N GLN A 252 3.42 -6.28 4.45
CA GLN A 252 2.00 -5.95 4.52
C GLN A 252 1.26 -6.91 5.45
N PHE A 253 1.84 -8.09 5.77
CA PHE A 253 1.07 -9.09 6.49
C PHE A 253 1.22 -8.94 8.01
N ASN A 254 0.27 -9.60 8.72
CA ASN A 254 0.25 -9.57 10.16
CA ASN A 254 0.16 -9.63 10.17
C ASN A 254 1.20 -10.58 10.79
N LEU A 255 1.68 -11.54 10.00
CA LEU A 255 2.56 -12.57 10.53
C LEU A 255 3.48 -13.01 9.38
N TYR A 256 4.81 -12.80 9.53
CA TYR A 256 5.74 -13.22 8.47
C TYR A 256 7.14 -13.41 9.04
N ALA A 257 8.02 -14.15 8.33
CA ALA A 257 9.41 -14.25 8.74
C ALA A 257 10.16 -13.06 8.13
N VAL A 258 11.12 -12.54 8.90
CA VAL A 258 11.98 -11.47 8.39
C VAL A 258 13.28 -12.11 7.91
N PHE A 259 13.38 -12.32 6.61
CA PHE A 259 14.46 -13.12 6.04
C PHE A 259 15.68 -12.23 5.85
N THR A 260 16.84 -12.74 6.28
CA THR A 260 18.10 -12.15 5.87
C THR A 260 18.51 -12.65 4.48
N LYS A 261 19.60 -12.10 3.93
CA LYS A 261 20.04 -12.56 2.62
C LYS A 261 20.49 -14.03 2.71
N GLU A 262 21.16 -14.41 3.81
CA GLU A 262 21.58 -15.80 3.95
C GLU A 262 20.36 -16.72 4.00
N GLU A 263 19.28 -16.30 4.67
CA GLU A 263 18.07 -17.09 4.69
C GLU A 263 17.42 -17.19 3.30
N ILE A 264 17.42 -16.11 2.51
CA ILE A 264 16.87 -16.17 1.16
C ILE A 264 17.66 -17.21 0.36
N ALA A 265 18.99 -17.15 0.44
CA ALA A 265 19.75 -18.15 -0.29
C ALA A 265 19.37 -19.59 0.08
N HIS A 266 19.26 -19.81 1.40
CA HIS A 266 18.93 -21.15 1.86
C HIS A 266 17.52 -21.60 1.42
N TRP A 267 16.52 -20.74 1.66
CA TRP A 267 15.14 -21.17 1.51
C TRP A 267 14.71 -21.18 0.04
N PHE A 268 15.42 -20.47 -0.84
CA PHE A 268 14.91 -20.34 -2.22
C PHE A 268 15.82 -20.95 -3.29
N LEU A 269 17.16 -21.06 -3.07
CA LEU A 269 17.93 -21.55 -4.18
C LEU A 269 17.54 -22.98 -4.53
N PRO A 270 17.27 -23.28 -5.82
CA PRO A 270 16.62 -24.56 -6.17
C PRO A 270 17.45 -25.78 -5.80
N ILE A 271 16.71 -26.80 -5.31
CA ILE A 271 17.22 -28.14 -5.08
C ILE A 271 16.20 -29.10 -5.68
N GLU A 272 16.64 -29.89 -6.66
CA GLU A 272 15.76 -30.81 -7.36
CA GLU A 272 15.77 -30.82 -7.37
C GLU A 272 15.03 -31.71 -6.36
N ASN A 273 13.71 -31.88 -6.58
CA ASN A 273 12.87 -32.72 -5.74
C ASN A 273 12.75 -32.19 -4.32
N VAL A 274 13.09 -30.88 -4.08
CA VAL A 274 12.92 -30.28 -2.77
C VAL A 274 12.26 -28.91 -2.93
N ILE A 275 12.97 -27.96 -3.54
CA ILE A 275 12.50 -26.58 -3.58
C ILE A 275 12.74 -26.04 -5.00
N TYR A 276 11.70 -25.40 -5.56
CA TYR A 276 11.71 -24.84 -6.90
C TYR A 276 11.40 -23.34 -6.77
N THR A 277 12.31 -22.48 -7.25
CA THR A 277 12.08 -21.06 -7.28
C THR A 277 12.37 -20.56 -8.67
N TYR A 278 11.43 -19.78 -9.23
CA TYR A 278 11.61 -19.19 -10.55
CA TYR A 278 11.65 -19.18 -10.54
C TYR A 278 11.57 -17.67 -10.41
N VAL A 279 12.29 -16.95 -11.27
CA VAL A 279 12.32 -15.49 -11.21
C VAL A 279 12.18 -14.91 -12.61
N ASN A 280 11.64 -13.68 -12.64
CA ASN A 280 11.66 -12.87 -13.84
C ASN A 280 12.58 -11.67 -13.61
N GLU A 281 13.68 -11.65 -14.37
CA GLU A 281 14.70 -10.61 -14.26
C GLU A 281 14.53 -9.63 -15.42
N GLU A 282 14.39 -8.36 -15.08
CA GLU A 282 14.41 -7.31 -16.10
CA GLU A 282 14.39 -7.28 -16.07
C GLU A 282 15.50 -6.32 -15.69
N ASN A 283 16.43 -6.02 -16.62
CA ASN A 283 17.39 -4.96 -16.32
CA ASN A 283 17.47 -5.02 -16.39
C ASN A 283 18.22 -5.34 -15.09
N GLY A 284 18.48 -6.63 -14.88
CA GLY A 284 19.27 -7.11 -13.75
C GLY A 284 18.56 -6.97 -12.39
N LYS A 285 17.23 -6.74 -12.43
CA LYS A 285 16.39 -6.61 -11.25
C LYS A 285 15.30 -7.69 -11.24
N ILE A 286 15.00 -8.22 -10.06
CA ILE A 286 14.06 -9.34 -10.02
C ILE A 286 12.69 -8.71 -9.81
N LYS A 287 11.74 -8.91 -10.73
CA LYS A 287 10.45 -8.25 -10.65
C LYS A 287 9.29 -9.21 -10.30
N ASP A 288 9.51 -10.53 -10.40
CA ASP A 288 8.45 -11.50 -10.11
C ASP A 288 9.14 -12.79 -9.66
N MET A 289 8.50 -13.50 -8.72
CA MET A 289 9.05 -14.80 -8.32
C MET A 289 7.89 -15.78 -8.06
N ILE A 290 8.19 -17.07 -8.30
CA ILE A 290 7.28 -18.19 -7.99
C ILE A 290 8.11 -19.18 -7.18
N SER A 291 7.53 -19.77 -6.12
CA SER A 291 8.24 -20.87 -5.47
C SER A 291 7.25 -21.91 -4.97
N PHE A 292 7.71 -23.16 -4.99
CA PHE A 292 6.90 -24.29 -4.50
C PHE A 292 7.87 -25.37 -4.02
N TYR A 293 7.46 -26.14 -3.00
CA TYR A 293 8.34 -27.21 -2.53
C TYR A 293 7.68 -28.56 -2.82
N SER A 294 8.51 -29.60 -2.85
CA SER A 294 8.00 -30.95 -3.15
C SER A 294 7.70 -31.71 -1.86
N LEU A 295 6.43 -32.14 -1.71
CA LEU A 295 6.06 -32.93 -0.55
C LEU A 295 5.15 -34.07 -1.02
N PRO A 296 5.73 -35.24 -1.31
CA PRO A 296 4.91 -36.37 -1.73
C PRO A 296 4.14 -36.93 -0.53
N SER A 297 2.95 -37.49 -0.84
CA SER A 297 2.26 -38.30 0.16
C SER A 297 2.27 -39.77 -0.31
N GLN A 298 2.64 -40.65 0.60
CA GLN A 298 2.44 -42.08 0.39
C GLN A 298 0.94 -42.34 0.34
N ILE A 299 0.52 -43.13 -0.68
CA ILE A 299 -0.86 -43.52 -0.83
C ILE A 299 -0.99 -44.88 -0.13
N LEU A 300 -1.81 -44.95 0.90
CA LEU A 300 -1.87 -46.18 1.68
C LEU A 300 -2.85 -47.14 0.98
N GLY A 301 -2.43 -48.35 0.62
CA GLY A 301 -3.40 -49.31 0.08
C GLY A 301 -4.07 -48.96 -1.25
N ASN A 302 -3.33 -48.41 -2.22
CA ASN A 302 -3.73 -48.38 -3.62
C ASN A 302 -2.85 -49.38 -4.38
N ASP A 303 -3.46 -50.30 -5.17
CA ASP A 303 -2.66 -51.33 -5.83
C ASP A 303 -1.74 -50.67 -6.86
N LYS A 304 -2.22 -49.64 -7.56
CA LYS A 304 -1.46 -49.18 -8.71
C LYS A 304 -0.39 -48.15 -8.31
N TYR A 305 -0.74 -47.20 -7.43
CA TYR A 305 0.15 -46.08 -7.23
C TYR A 305 0.64 -46.05 -5.78
N SER A 306 1.93 -45.77 -5.57
CA SER A 306 2.42 -45.72 -4.19
C SER A 306 2.52 -44.27 -3.65
N THR A 307 2.63 -43.30 -4.56
CA THR A 307 2.98 -41.93 -4.17
C THR A 307 2.10 -40.91 -4.90
N LEU A 308 1.62 -39.87 -4.18
CA LEU A 308 1.02 -38.68 -4.78
C LEU A 308 2.13 -37.62 -4.81
N ASN A 309 2.60 -37.22 -6.00
N ASN A 309 2.48 -37.10 -6.00
CA ASN A 309 3.62 -36.19 -6.03
CA ASN A 309 3.61 -36.18 -6.10
C ASN A 309 2.91 -34.84 -6.02
C ASN A 309 3.10 -34.74 -6.13
N ALA A 310 3.19 -34.03 -4.99
CA ALA A 310 2.45 -32.79 -4.79
C ALA A 310 3.46 -31.67 -4.65
N ALA A 311 3.18 -30.56 -5.33
CA ALA A 311 3.90 -29.30 -5.18
C ALA A 311 3.05 -28.44 -4.27
N TYR A 312 3.71 -27.80 -3.33
CA TYR A 312 3.10 -26.93 -2.34
C TYR A 312 3.56 -25.50 -2.61
N SER A 313 2.57 -24.61 -2.82
CA SER A 313 2.83 -23.18 -3.02
C SER A 313 3.58 -22.66 -1.80
N PHE A 314 4.63 -21.85 -2.05
CA PHE A 314 5.49 -21.36 -0.98
C PHE A 314 5.37 -19.83 -0.94
N TYR A 315 6.21 -19.10 -1.69
CA TYR A 315 6.07 -17.64 -1.80
C TYR A 315 6.09 -17.22 -3.28
N ASN A 316 5.09 -16.38 -3.62
CA ASN A 316 4.86 -15.93 -4.99
C ASN A 316 4.60 -14.43 -4.95
N VAL A 317 5.35 -13.66 -5.76
CA VAL A 317 5.19 -12.20 -5.80
C VAL A 317 5.19 -11.78 -7.27
N THR A 318 4.22 -10.95 -7.67
CA THR A 318 4.30 -10.38 -9.01
C THR A 318 4.26 -8.85 -9.00
N THR A 319 5.08 -8.23 -9.85
CA THR A 319 4.91 -6.79 -10.09
C THR A 319 4.65 -6.50 -11.57
N THR A 320 4.80 -7.46 -12.48
CA THR A 320 4.63 -7.22 -13.91
C THR A 320 3.42 -7.94 -14.52
N ALA A 321 2.66 -8.69 -13.71
CA ALA A 321 1.50 -9.42 -14.23
C ALA A 321 0.43 -9.39 -13.14
N THR A 322 -0.75 -9.99 -13.41
CA THR A 322 -1.69 -10.15 -12.32
C THR A 322 -1.31 -11.35 -11.46
N PHE A 323 -1.82 -11.37 -10.22
CA PHE A 323 -1.56 -12.51 -9.35
C PHE A 323 -2.12 -13.77 -10.00
N LYS A 324 -3.30 -13.68 -10.63
CA LYS A 324 -3.85 -14.85 -11.29
C LYS A 324 -2.89 -15.35 -12.38
N GLN A 325 -2.30 -14.42 -13.19
CA GLN A 325 -1.39 -14.85 -14.23
C GLN A 325 -0.15 -15.54 -13.63
N LEU A 326 0.33 -15.00 -12.51
CA LEU A 326 1.52 -15.56 -11.86
C LEU A 326 1.24 -16.98 -11.38
N MET A 327 0.09 -17.19 -10.73
CA MET A 327 -0.20 -18.51 -10.19
C MET A 327 -0.57 -19.49 -11.29
N GLN A 328 -1.10 -18.99 -12.44
CA GLN A 328 -1.27 -19.88 -13.57
C GLN A 328 0.12 -20.40 -13.98
N ASP A 329 1.11 -19.49 -14.04
CA ASP A 329 2.46 -19.94 -14.38
C ASP A 329 3.02 -20.91 -13.34
N ALA A 330 2.73 -20.66 -12.05
CA ALA A 330 3.21 -21.58 -11.02
C ALA A 330 2.65 -23.00 -11.29
N ILE A 331 1.35 -23.09 -11.62
CA ILE A 331 0.76 -24.41 -11.92
C ILE A 331 1.45 -25.06 -13.14
N LEU A 332 1.72 -24.25 -14.19
CA LEU A 332 2.41 -24.77 -15.37
C LEU A 332 3.80 -25.28 -15.02
N LEU A 333 4.53 -24.49 -14.20
CA LEU A 333 5.88 -24.95 -13.82
C LEU A 333 5.85 -26.23 -12.99
N ALA A 334 4.86 -26.35 -12.09
CA ALA A 334 4.68 -27.61 -11.37
C ALA A 334 4.36 -28.77 -12.31
N LYS A 335 3.56 -28.49 -13.35
CA LYS A 335 3.25 -29.54 -14.33
C LYS A 335 4.52 -29.94 -15.12
N ARG A 336 5.33 -28.94 -15.48
CA ARG A 336 6.55 -29.21 -16.22
C ARG A 336 7.53 -30.03 -15.40
N ASN A 337 7.38 -30.00 -14.06
CA ASN A 337 8.24 -30.76 -13.16
C ASN A 337 7.57 -32.07 -12.67
N ASN A 338 6.51 -32.51 -13.34
N ASN A 338 6.49 -32.45 -13.36
CA ASN A 338 6.00 -33.86 -13.12
CA ASN A 338 5.89 -33.78 -13.21
C ASN A 338 5.12 -33.98 -11.87
C ASN A 338 5.18 -33.96 -11.87
N PHE A 339 4.71 -32.86 -11.27
CA PHE A 339 3.80 -32.94 -10.13
C PHE A 339 2.38 -33.31 -10.55
N ASP A 340 1.69 -34.03 -9.66
CA ASP A 340 0.36 -34.55 -9.95
C ASP A 340 -0.71 -33.54 -9.54
N VAL A 341 -0.39 -32.68 -8.55
CA VAL A 341 -1.34 -31.75 -7.93
C VAL A 341 -0.55 -30.59 -7.38
N PHE A 342 -1.19 -29.41 -7.38
CA PHE A 342 -0.63 -28.21 -6.80
C PHE A 342 -1.48 -27.79 -5.61
N ASN A 343 -0.86 -27.71 -4.41
CA ASN A 343 -1.56 -27.49 -3.16
C ASN A 343 -1.25 -26.08 -2.67
N ALA A 344 -2.28 -25.38 -2.18
CA ALA A 344 -2.05 -24.07 -1.60
C ALA A 344 -3.00 -23.80 -0.43
N LEU A 345 -2.55 -22.94 0.47
CA LEU A 345 -3.42 -22.51 1.58
C LEU A 345 -4.07 -21.18 1.20
N GLU A 346 -5.14 -20.79 1.90
CA GLU A 346 -5.79 -19.47 1.69
C GLU A 346 -5.07 -18.38 2.50
N VAL A 347 -3.76 -18.27 2.32
CA VAL A 347 -2.90 -17.27 2.98
C VAL A 347 -2.43 -16.30 1.90
N MET A 348 -1.96 -15.14 2.34
CA MET A 348 -1.51 -14.12 1.40
C MET A 348 -2.63 -13.75 0.41
N GLN A 349 -2.33 -13.68 -0.90
CA GLN A 349 -3.33 -13.32 -1.89
C GLN A 349 -3.93 -14.58 -2.53
N ASN A 350 -3.65 -15.77 -1.97
CA ASN A 350 -3.98 -17.01 -2.69
C ASN A 350 -5.48 -17.20 -2.96
N LYS A 351 -6.34 -16.88 -2.00
CA LYS A 351 -7.73 -17.31 -2.11
C LYS A 351 -8.33 -16.66 -3.37
N SER A 352 -7.85 -15.44 -3.68
CA SER A 352 -8.42 -14.65 -4.78
C SER A 352 -8.34 -15.36 -6.14
N VAL A 353 -7.47 -16.38 -6.25
CA VAL A 353 -7.28 -17.01 -7.57
C VAL A 353 -7.84 -18.43 -7.60
N PHE A 354 -8.34 -18.91 -6.47
CA PHE A 354 -8.72 -20.33 -6.43
C PHE A 354 -9.85 -20.68 -7.39
N GLU A 355 -10.91 -19.88 -7.41
CA GLU A 355 -12.06 -20.20 -8.26
CA GLU A 355 -12.05 -20.20 -8.26
C GLU A 355 -11.61 -20.18 -9.73
N ASP A 356 -10.97 -19.07 -10.13
CA ASP A 356 -10.66 -18.91 -11.55
C ASP A 356 -9.66 -19.95 -12.05
N LEU A 357 -8.72 -20.40 -11.16
CA LEU A 357 -7.72 -21.37 -11.59
C LEU A 357 -8.14 -22.81 -11.28
N LYS A 358 -9.43 -23.03 -10.95
CA LYS A 358 -9.98 -24.37 -10.86
CA LYS A 358 -9.98 -24.37 -10.86
C LYS A 358 -9.39 -25.17 -9.70
N PHE A 359 -9.05 -24.49 -8.59
CA PHE A 359 -8.73 -25.24 -7.40
C PHE A 359 -10.01 -25.76 -6.74
N GLY A 360 -9.93 -26.94 -6.13
CA GLY A 360 -11.02 -27.43 -5.29
C GLY A 360 -10.69 -27.30 -3.80
N GLU A 361 -11.70 -26.99 -2.99
CA GLU A 361 -11.48 -26.98 -1.54
C GLU A 361 -11.16 -28.37 -1.04
N GLY A 362 -10.16 -28.45 -0.13
CA GLY A 362 -9.79 -29.71 0.48
C GLY A 362 -10.69 -30.03 1.69
N ASP A 363 -10.22 -30.95 2.54
CA ASP A 363 -11.06 -31.50 3.59
CA ASP A 363 -11.13 -31.40 3.58
C ASP A 363 -10.66 -30.97 4.97
N GLY A 364 -9.83 -29.94 5.04
CA GLY A 364 -9.36 -29.56 6.38
C GLY A 364 -8.65 -28.22 6.33
N SER A 365 -8.06 -27.87 7.47
CA SER A 365 -7.35 -26.60 7.53
C SER A 365 -6.06 -26.72 8.34
N LEU A 366 -5.15 -25.77 8.10
CA LEU A 366 -3.92 -25.69 8.89
C LEU A 366 -4.01 -24.49 9.81
N LYS A 367 -3.81 -24.79 11.10
CA LYS A 367 -3.88 -23.78 12.15
C LYS A 367 -2.47 -23.24 12.45
N TYR A 368 -2.38 -21.90 12.56
CA TYR A 368 -1.13 -21.26 12.93
C TYR A 368 -1.16 -20.88 14.41
N TYR A 369 -0.09 -21.17 15.12
CA TYR A 369 -0.02 -20.93 16.56
C TYR A 369 1.27 -20.17 16.92
N LEU A 370 1.18 -19.39 18.00
CA LEU A 370 2.37 -18.86 18.66
C LEU A 370 2.40 -19.38 20.10
N TYR A 371 3.60 -19.61 20.58
CA TYR A 371 3.83 -20.01 21.97
C TYR A 371 4.32 -18.78 22.73
N ASN A 372 3.72 -18.56 23.92
CA ASN A 372 4.07 -17.44 24.81
C ASN A 372 3.88 -16.09 24.12
N TRP A 373 2.75 -15.92 23.41
CA TRP A 373 2.48 -14.62 22.79
C TRP A 373 0.97 -14.40 22.77
N LYS A 374 0.57 -13.23 23.30
CA LYS A 374 -0.84 -12.90 23.27
C LYS A 374 -1.06 -11.78 22.27
N CYS A 375 -2.09 -11.94 21.44
CA CYS A 375 -2.37 -10.98 20.39
C CYS A 375 -3.74 -11.28 19.78
N ALA A 376 -4.22 -10.33 18.97
CA ALA A 376 -5.44 -10.53 18.19
C ALA A 376 -5.24 -11.61 17.13
N SER A 377 -6.27 -12.44 16.94
CA SER A 377 -6.25 -13.40 15.84
C SER A 377 -6.69 -12.65 14.57
N PHE A 378 -6.58 -13.29 13.39
CA PHE A 378 -6.85 -12.59 12.13
C PHE A 378 -7.16 -13.63 11.06
N ALA A 379 -7.81 -13.16 9.99
CA ALA A 379 -8.19 -14.00 8.86
C ALA A 379 -6.93 -14.39 8.12
N PRO A 380 -6.92 -15.58 7.46
CA PRO A 380 -5.70 -16.08 6.86
C PRO A 380 -5.12 -15.29 5.70
N ALA A 381 -5.90 -14.39 5.06
CA ALA A 381 -5.34 -13.49 4.06
C ALA A 381 -4.25 -12.60 4.67
N HIS A 382 -4.27 -12.45 6.03
CA HIS A 382 -3.27 -11.63 6.71
C HIS A 382 -2.05 -12.44 7.16
N VAL A 383 -2.04 -13.76 6.91
CA VAL A 383 -0.89 -14.61 7.19
C VAL A 383 0.05 -14.53 5.98
N GLY A 384 1.34 -14.27 6.27
CA GLY A 384 2.36 -14.17 5.23
C GLY A 384 3.54 -15.09 5.50
N ILE A 385 3.24 -16.30 6.07
CA ILE A 385 4.31 -17.26 6.26
C ILE A 385 3.76 -18.65 5.92
N VAL A 386 4.64 -19.51 5.41
CA VAL A 386 4.31 -20.90 5.09
C VAL A 386 5.35 -21.78 5.78
N LEU A 387 4.91 -22.68 6.65
CA LEU A 387 5.80 -23.64 7.31
C LEU A 387 5.76 -24.98 6.57
N LEU A 388 6.87 -25.71 6.61
CA LEU A 388 6.99 -26.88 5.76
C LEU A 388 6.16 -28.06 6.25
N ASP B 5 -23.92 -10.72 -24.71
CA ASP B 5 -23.25 -9.93 -25.81
C ASP B 5 -22.87 -8.52 -25.34
N TYR B 6 -23.59 -7.97 -24.37
CA TYR B 6 -23.40 -6.60 -23.85
C TYR B 6 -23.32 -5.54 -24.95
N LYS B 7 -24.35 -5.48 -25.82
CA LYS B 7 -24.33 -4.61 -26.97
CA LYS B 7 -24.32 -4.61 -26.97
C LYS B 7 -24.28 -3.13 -26.56
N PHE B 8 -24.90 -2.78 -25.42
CA PHE B 8 -24.82 -1.38 -24.98
C PHE B 8 -23.51 -1.17 -24.23
N TRP B 9 -23.23 -2.04 -23.25
CA TRP B 9 -22.02 -1.82 -22.45
C TRP B 9 -20.76 -1.81 -23.31
N TYR B 10 -20.70 -2.57 -24.41
CA TYR B 10 -19.46 -2.61 -25.16
CA TYR B 10 -19.52 -2.65 -25.28
C TYR B 10 -19.16 -1.29 -25.89
N THR B 11 -20.16 -0.41 -26.01
CA THR B 11 -19.97 0.93 -26.55
C THR B 11 -19.47 1.93 -25.52
N GLN B 12 -19.41 1.48 -24.25
CA GLN B 12 -19.05 2.41 -23.18
C GLN B 12 -17.58 2.26 -22.74
N PRO B 13 -16.94 3.28 -22.10
CA PRO B 13 -15.57 3.19 -21.57
C PRO B 13 -15.57 2.40 -20.27
N VAL B 14 -15.76 1.07 -20.40
CA VAL B 14 -15.73 0.12 -19.30
C VAL B 14 -14.94 -1.10 -19.80
N PRO B 15 -14.41 -1.97 -18.91
CA PRO B 15 -13.63 -3.12 -19.36
C PRO B 15 -14.46 -4.10 -20.17
N LYS B 16 -13.84 -4.71 -21.18
CA LYS B 16 -14.41 -5.88 -21.83
CA LYS B 16 -14.42 -5.87 -21.83
C LYS B 16 -14.40 -7.05 -20.85
N ILE B 17 -15.28 -8.03 -21.07
CA ILE B 17 -15.39 -9.16 -20.16
C ILE B 17 -14.02 -9.84 -19.94
N ASN B 18 -13.14 -9.84 -20.94
CA ASN B 18 -11.93 -10.62 -20.72
C ASN B 18 -10.74 -9.72 -20.34
N ASP B 19 -11.00 -8.43 -20.09
CA ASP B 19 -9.94 -7.48 -19.77
C ASP B 19 -9.38 -7.79 -18.38
N GLU B 20 -8.05 -7.84 -18.29
CA GLU B 20 -7.38 -8.02 -17.01
CA GLU B 20 -7.35 -8.07 -17.04
C GLU B 20 -6.22 -7.06 -16.92
N PHE B 21 -6.22 -6.25 -15.86
CA PHE B 21 -5.16 -5.26 -15.70
C PHE B 21 -4.33 -5.52 -14.47
N ASN B 22 -3.01 -5.27 -14.56
CA ASN B 22 -2.02 -5.30 -13.48
CA ASN B 22 -2.22 -5.42 -13.36
C ASN B 22 -2.27 -4.17 -12.49
N GLU B 23 -1.70 -4.30 -11.28
CA GLU B 23 -1.76 -3.23 -10.29
C GLU B 23 -1.02 -1.97 -10.75
N SER B 24 -0.18 -2.04 -11.77
CA SER B 24 0.48 -0.85 -12.28
C SER B 24 -0.45 0.04 -13.14
N VAL B 25 -1.66 -0.44 -13.45
CA VAL B 25 -2.58 0.29 -14.31
C VAL B 25 -3.66 0.88 -13.40
N ASN B 26 -3.83 2.19 -13.43
CA ASN B 26 -4.82 2.83 -12.57
C ASN B 26 -5.14 4.20 -13.17
N GLU B 27 -6.00 4.20 -14.20
CA GLU B 27 -6.17 5.41 -14.98
C GLU B 27 -7.51 5.35 -15.75
N PRO B 28 -8.01 6.45 -16.35
CA PRO B 28 -9.22 6.41 -17.17
C PRO B 28 -9.03 5.59 -18.45
N PHE B 29 -10.13 5.05 -19.01
CA PHE B 29 -10.10 4.57 -20.38
C PHE B 29 -9.94 5.76 -21.34
N ILE B 30 -10.68 6.84 -21.10
CA ILE B 30 -10.59 8.02 -21.95
C ILE B 30 -10.26 9.23 -21.08
N SER B 31 -9.16 9.91 -21.41
CA SER B 31 -8.67 11.11 -20.75
C SER B 31 -8.88 12.35 -21.62
N ASP B 32 -8.55 13.52 -21.07
CA ASP B 32 -8.59 14.75 -21.85
CA ASP B 32 -8.60 14.78 -21.82
C ASP B 32 -10.02 15.08 -22.33
N ASN B 33 -11.01 14.79 -21.52
CA ASN B 33 -12.39 15.12 -21.88
C ASN B 33 -12.64 16.63 -21.71
N LYS B 34 -13.59 17.15 -22.47
CA LYS B 34 -13.86 18.59 -22.50
C LYS B 34 -15.36 18.86 -22.30
N VAL B 35 -15.68 19.66 -21.26
CA VAL B 35 -17.05 20.08 -21.06
C VAL B 35 -17.65 20.73 -22.31
N GLU B 36 -16.83 21.48 -23.06
CA GLU B 36 -17.37 22.23 -24.17
C GLU B 36 -17.87 21.30 -25.27
N ASP B 37 -17.36 20.04 -25.28
CA ASP B 37 -17.74 19.10 -26.34
C ASP B 37 -18.94 18.24 -25.93
N VAL B 38 -19.35 18.26 -24.66
CA VAL B 38 -20.45 17.40 -24.20
C VAL B 38 -21.74 17.76 -24.93
N ARG B 39 -22.53 16.74 -25.33
CA ARG B 39 -23.81 17.01 -25.98
C ARG B 39 -24.64 17.92 -25.09
N LYS B 40 -25.23 18.96 -25.69
CA LYS B 40 -26.08 19.83 -24.88
C LYS B 40 -27.56 19.50 -25.00
N ASP B 41 -27.93 18.57 -25.88
CA ASP B 41 -29.28 18.10 -26.12
C ASP B 41 -29.57 16.88 -25.23
N GLU B 42 -30.75 16.87 -24.60
CA GLU B 42 -31.22 15.66 -23.92
C GLU B 42 -31.34 14.50 -24.89
N TYR B 43 -31.04 13.27 -24.42
CA TYR B 43 -31.26 12.07 -25.22
C TYR B 43 -32.73 11.91 -25.56
N LYS B 44 -32.97 11.38 -26.77
CA LYS B 44 -34.34 11.16 -27.24
CA LYS B 44 -34.33 11.15 -27.25
C LYS B 44 -34.97 9.97 -26.53
N LEU B 45 -36.24 10.13 -26.17
CA LEU B 45 -37.04 9.08 -25.57
C LEU B 45 -38.06 8.61 -26.59
N PRO B 46 -38.66 7.40 -26.42
CA PRO B 46 -39.72 6.94 -27.33
C PRO B 46 -40.91 7.89 -27.35
N PRO B 47 -41.74 7.86 -28.40
CA PRO B 47 -42.94 8.70 -28.42
C PRO B 47 -43.80 8.56 -27.16
N GLY B 48 -44.22 9.72 -26.65
CA GLY B 48 -45.16 9.79 -25.55
C GLY B 48 -44.48 9.82 -24.17
N TYR B 49 -43.13 9.86 -24.16
CA TYR B 49 -42.41 9.87 -22.88
C TYR B 49 -41.58 11.16 -22.81
N SER B 50 -41.40 11.70 -21.59
CA SER B 50 -40.64 12.94 -21.40
CA SER B 50 -40.57 12.89 -21.45
C SER B 50 -39.72 12.83 -20.19
N TRP B 51 -38.59 13.55 -20.27
CA TRP B 51 -37.76 13.73 -19.08
C TRP B 51 -38.54 14.58 -18.08
N TYR B 52 -38.31 14.29 -16.79
CA TYR B 52 -38.89 15.09 -15.73
C TYR B 52 -37.79 15.49 -14.73
N VAL B 53 -37.82 16.76 -14.34
CA VAL B 53 -36.91 17.25 -13.30
C VAL B 53 -37.49 16.89 -11.93
N CYS B 54 -36.95 15.86 -11.25
CA CYS B 54 -37.51 15.46 -9.96
C CYS B 54 -36.89 16.37 -8.89
N ASP B 55 -37.71 17.02 -8.06
CA ASP B 55 -37.22 17.80 -6.94
C ASP B 55 -37.46 16.96 -5.69
N VAL B 56 -36.42 16.26 -5.22
CA VAL B 56 -36.57 15.29 -4.15
CA VAL B 56 -36.55 15.30 -4.15
C VAL B 56 -37.02 15.97 -2.85
N LYS B 57 -36.82 17.30 -2.76
CA LYS B 57 -37.23 18.03 -1.55
C LYS B 57 -38.72 18.36 -1.58
N ASP B 58 -39.34 18.19 -2.74
CA ASP B 58 -40.77 18.45 -2.92
C ASP B 58 -41.54 17.18 -2.56
N GLU B 59 -42.45 17.27 -1.59
CA GLU B 59 -43.17 16.10 -1.12
CA GLU B 59 -43.19 16.11 -1.12
C GLU B 59 -43.83 15.34 -2.28
N LYS B 60 -44.50 16.07 -3.19
CA LYS B 60 -45.17 15.38 -4.29
C LYS B 60 -44.19 14.60 -5.20
N ASP B 61 -43.10 15.26 -5.62
CA ASP B 61 -42.15 14.58 -6.49
C ASP B 61 -41.57 13.38 -5.77
N ARG B 62 -41.25 13.55 -4.47
CA ARG B 62 -40.64 12.47 -3.71
C ARG B 62 -41.61 11.29 -3.58
N SER B 63 -42.90 11.59 -3.39
CA SER B 63 -43.89 10.52 -3.27
CA SER B 63 -43.93 10.55 -3.30
C SER B 63 -44.01 9.72 -4.58
N GLU B 64 -43.83 10.39 -5.72
CA GLU B 64 -43.87 9.70 -7.00
CA GLU B 64 -43.88 9.68 -6.99
C GLU B 64 -42.67 8.78 -7.18
N ILE B 65 -41.49 9.24 -6.73
CA ILE B 65 -40.34 8.35 -6.80
C ILE B 65 -40.55 7.16 -5.86
N TYR B 66 -41.07 7.46 -4.66
CA TYR B 66 -41.32 6.41 -3.68
C TYR B 66 -42.23 5.35 -4.29
N THR B 67 -43.35 5.79 -4.91
CA THR B 67 -44.29 4.84 -5.48
C THR B 67 -43.65 4.03 -6.59
N LEU B 68 -42.89 4.68 -7.49
CA LEU B 68 -42.24 3.90 -8.54
C LEU B 68 -41.33 2.81 -7.97
N LEU B 69 -40.48 3.17 -6.99
CA LEU B 69 -39.56 2.16 -6.46
C LEU B 69 -40.28 1.10 -5.64
N THR B 70 -41.29 1.51 -4.83
CA THR B 70 -41.99 0.51 -4.04
C THR B 70 -42.55 -0.58 -4.94
N ASP B 71 -43.06 -0.18 -6.12
CA ASP B 71 -43.76 -1.13 -6.98
C ASP B 71 -42.85 -1.81 -8.02
N ASN B 72 -41.69 -1.20 -8.31
CA ASN B 72 -40.89 -1.67 -9.47
C ASN B 72 -39.38 -1.79 -9.21
N TYR B 73 -38.92 -1.66 -7.97
CA TYR B 73 -37.45 -1.70 -7.69
C TYR B 73 -36.95 -3.15 -7.54
N VAL B 74 -35.74 -3.29 -7.03
CA VAL B 74 -34.96 -4.55 -6.93
C VAL B 74 -35.71 -5.63 -6.17
N GLU B 75 -35.81 -6.77 -6.83
CA GLU B 75 -36.26 -7.99 -6.13
C GLU B 75 -35.11 -8.97 -6.04
N ASP B 76 -35.18 -9.92 -5.09
CA ASP B 76 -34.22 -11.01 -5.08
C ASP B 76 -34.52 -11.91 -6.29
N ASP B 77 -33.60 -12.83 -6.61
CA ASP B 77 -33.74 -13.66 -7.80
C ASP B 77 -34.95 -14.59 -7.70
N ASP B 78 -35.43 -14.84 -6.47
CA ASP B 78 -36.56 -15.73 -6.29
C ASP B 78 -37.87 -14.94 -6.26
N ASN B 79 -37.81 -13.61 -6.26
CA ASN B 79 -39.01 -12.78 -6.22
C ASN B 79 -39.80 -12.98 -4.93
N ILE B 80 -39.09 -13.22 -3.82
CA ILE B 80 -39.60 -13.29 -2.47
C ILE B 80 -39.82 -11.87 -1.93
N PHE B 81 -38.88 -10.98 -2.25
CA PHE B 81 -38.83 -9.67 -1.64
C PHE B 81 -38.64 -8.58 -2.69
N ARG B 82 -39.13 -7.36 -2.36
CA ARG B 82 -38.79 -6.17 -3.15
CA ARG B 82 -38.80 -6.17 -3.15
C ARG B 82 -38.37 -5.07 -2.19
N PHE B 83 -37.23 -4.39 -2.49
CA PHE B 83 -36.80 -3.31 -1.62
C PHE B 83 -37.89 -2.25 -1.49
N ASN B 84 -38.05 -1.70 -0.26
CA ASN B 84 -39.05 -0.67 0.03
C ASN B 84 -38.39 0.47 0.78
N TYR B 85 -37.48 1.19 0.12
CA TYR B 85 -36.82 2.35 0.68
C TYR B 85 -37.88 3.38 1.03
N SER B 86 -37.79 3.95 2.23
CA SER B 86 -38.81 4.91 2.65
C SER B 86 -38.59 6.24 1.94
N ALA B 87 -39.64 7.08 1.90
CA ALA B 87 -39.51 8.41 1.32
C ALA B 87 -38.48 9.24 2.08
N GLU B 88 -38.42 9.11 3.41
CA GLU B 88 -37.41 9.83 4.19
C GLU B 88 -36.00 9.31 3.86
N PHE B 89 -35.88 8.00 3.60
CA PHE B 89 -34.56 7.49 3.26
C PHE B 89 -34.14 8.08 1.92
N LEU B 90 -35.11 8.17 1.00
CA LEU B 90 -34.76 8.67 -0.34
C LEU B 90 -34.28 10.12 -0.27
N LEU B 91 -34.96 10.94 0.54
CA LEU B 91 -34.52 12.30 0.76
C LEU B 91 -33.07 12.31 1.27
N TRP B 92 -32.75 11.47 2.27
CA TRP B 92 -31.41 11.45 2.84
C TRP B 92 -30.37 11.02 1.81
N ALA B 93 -30.69 9.96 1.04
CA ALA B 93 -29.74 9.38 0.13
C ALA B 93 -29.39 10.31 -1.03
N LEU B 94 -30.28 11.24 -1.37
CA LEU B 94 -30.15 11.97 -2.64
C LEU B 94 -29.77 13.43 -2.39
N THR B 95 -29.80 13.91 -1.13
CA THR B 95 -29.54 15.32 -0.87
C THR B 95 -28.27 15.53 -0.05
N SER B 96 -27.26 14.69 -0.31
CA SER B 96 -25.96 14.79 0.33
C SER B 96 -25.23 16.09 -0.05
N PRO B 97 -24.17 16.52 0.66
CA PRO B 97 -23.51 17.81 0.37
C PRO B 97 -23.13 18.04 -1.10
N ASN B 98 -23.47 19.23 -1.62
CA ASN B 98 -23.15 19.62 -2.99
C ASN B 98 -23.90 18.79 -4.05
N TYR B 99 -25.03 18.15 -3.70
CA TYR B 99 -25.78 17.37 -4.69
C TYR B 99 -26.29 18.29 -5.80
N LEU B 100 -26.49 17.68 -6.96
CA LEU B 100 -27.00 18.37 -8.13
C LEU B 100 -28.47 17.98 -8.35
N LYS B 101 -29.37 18.97 -8.45
CA LYS B 101 -30.76 18.67 -8.77
C LYS B 101 -30.90 18.07 -10.19
N THR B 102 -29.94 18.43 -11.05
CA THR B 102 -29.98 17.97 -12.44
C THR B 102 -29.70 16.47 -12.51
N TRP B 103 -29.16 15.89 -11.44
CA TRP B 103 -28.80 14.46 -11.46
C TRP B 103 -29.89 13.59 -10.83
N HIS B 104 -31.11 14.13 -10.65
CA HIS B 104 -32.23 13.34 -10.15
C HIS B 104 -33.26 13.32 -11.26
N ILE B 105 -33.23 12.23 -12.05
CA ILE B 105 -33.83 12.25 -13.38
C ILE B 105 -35.02 11.30 -13.42
N GLY B 106 -36.20 11.84 -13.74
CA GLY B 106 -37.35 10.97 -13.93
C GLY B 106 -37.75 10.89 -15.41
N VAL B 107 -38.59 9.88 -15.72
CA VAL B 107 -39.22 9.79 -17.04
C VAL B 107 -40.72 9.61 -16.81
N LYS B 108 -41.50 10.50 -17.43
CA LYS B 108 -42.95 10.37 -17.32
C LYS B 108 -43.59 9.89 -18.62
N TYR B 109 -44.70 9.14 -18.50
CA TYR B 109 -45.57 8.89 -19.63
C TYR B 109 -46.53 10.06 -19.71
N ASP B 110 -46.54 10.78 -20.83
CA ASP B 110 -47.13 12.10 -20.89
C ASP B 110 -48.64 12.01 -20.69
N ALA B 111 -49.25 10.95 -21.25
CA ALA B 111 -50.71 10.90 -21.32
C ALA B 111 -51.29 10.77 -19.91
N SER B 112 -50.58 10.03 -19.03
CA SER B 112 -51.04 9.69 -17.70
C SER B 112 -50.35 10.57 -16.67
N ASN B 113 -49.29 11.26 -17.08
CA ASN B 113 -48.50 12.09 -16.19
C ASN B 113 -47.88 11.24 -15.06
N LYS B 114 -47.61 9.95 -15.35
CA LYS B 114 -47.11 9.02 -14.35
C LYS B 114 -45.59 8.82 -14.51
N LEU B 115 -44.88 8.71 -13.37
CA LEU B 115 -43.44 8.44 -13.37
C LEU B 115 -43.20 6.95 -13.66
N ILE B 116 -42.45 6.64 -14.73
CA ILE B 116 -42.23 5.25 -15.16
C ILE B 116 -40.73 4.91 -15.20
N GLY B 117 -39.89 5.90 -14.92
CA GLY B 117 -38.46 5.62 -14.89
C GLY B 117 -37.74 6.65 -14.00
N PHE B 118 -36.57 6.23 -13.48
CA PHE B 118 -35.80 7.10 -12.62
C PHE B 118 -34.34 6.64 -12.62
N ILE B 119 -33.42 7.59 -12.50
CA ILE B 119 -32.02 7.30 -12.23
C ILE B 119 -31.46 8.50 -11.46
N SER B 120 -30.48 8.25 -10.59
CA SER B 120 -29.93 9.33 -9.78
C SER B 120 -28.43 9.17 -9.65
N ALA B 121 -27.79 10.28 -9.30
CA ALA B 121 -26.40 10.22 -8.86
C ALA B 121 -26.14 11.34 -7.84
N ILE B 122 -25.14 11.13 -6.96
CA ILE B 122 -24.67 12.19 -6.07
C ILE B 122 -23.16 12.29 -6.24
N PRO B 123 -22.50 13.46 -6.04
CA PRO B 123 -21.06 13.60 -6.18
C PRO B 123 -20.30 13.19 -4.95
N THR B 124 -19.14 12.53 -5.12
CA THR B 124 -18.30 12.25 -3.97
C THR B 124 -16.88 12.00 -4.45
N ASP B 125 -15.89 12.17 -3.58
CA ASP B 125 -14.51 11.85 -3.96
C ASP B 125 -14.26 10.39 -3.62
N ILE B 126 -13.75 9.65 -4.60
CA ILE B 126 -13.53 8.22 -4.45
C ILE B 126 -12.04 7.99 -4.60
N CYS B 127 -11.46 7.26 -3.65
CA CYS B 127 -10.07 6.85 -3.76
C CYS B 127 -10.00 5.40 -4.27
N ILE B 128 -9.39 5.19 -5.44
CA ILE B 128 -9.23 3.90 -6.07
C ILE B 128 -7.72 3.66 -6.20
N HIS B 129 -7.23 2.63 -5.53
CA HIS B 129 -5.81 2.28 -5.54
CA HIS B 129 -5.81 2.28 -5.56
C HIS B 129 -4.95 3.53 -5.29
N LYS B 130 -5.31 4.24 -4.21
CA LYS B 130 -4.58 5.40 -3.70
C LYS B 130 -4.66 6.66 -4.58
N ARG B 131 -5.44 6.68 -5.68
CA ARG B 131 -5.70 7.89 -6.43
C ARG B 131 -7.13 8.39 -6.14
N THR B 132 -7.27 9.68 -5.76
CA THR B 132 -8.57 10.25 -5.42
C THR B 132 -9.11 10.97 -6.64
N ILE B 133 -10.37 10.65 -7.02
CA ILE B 133 -11.00 11.17 -8.23
C ILE B 133 -12.40 11.64 -7.84
N LYS B 134 -12.74 12.84 -8.27
CA LYS B 134 -14.20 13.22 -8.11
CA LYS B 134 -14.19 13.22 -8.15
C LYS B 134 -15.15 12.37 -9.05
N MET B 135 -16.10 11.69 -8.41
CA MET B 135 -16.93 10.75 -9.14
C MET B 135 -18.41 11.01 -8.89
N ALA B 136 -19.24 10.49 -9.77
CA ALA B 136 -20.68 10.38 -9.46
C ALA B 136 -20.94 9.01 -8.89
N GLU B 137 -21.80 8.92 -7.87
CA GLU B 137 -22.27 7.63 -7.38
CA GLU B 137 -22.28 7.63 -7.38
C GLU B 137 -23.70 7.44 -7.86
N VAL B 138 -23.90 6.42 -8.70
CA VAL B 138 -25.15 6.23 -9.43
C VAL B 138 -25.99 5.17 -8.71
N ASN B 139 -27.29 5.47 -8.53
CA ASN B 139 -28.12 4.55 -7.76
C ASN B 139 -29.58 4.81 -8.15
N PHE B 140 -30.45 3.87 -7.74
CA PHE B 140 -31.92 3.95 -7.90
C PHE B 140 -32.30 3.97 -9.38
N LEU B 141 -31.54 3.29 -10.23
CA LEU B 141 -32.04 3.09 -11.62
C LEU B 141 -33.27 2.18 -11.61
N CYS B 142 -34.36 2.62 -12.24
CA CYS B 142 -35.59 1.83 -12.19
C CYS B 142 -36.44 2.13 -13.44
N VAL B 143 -36.94 1.07 -14.04
CA VAL B 143 -37.92 1.19 -15.13
C VAL B 143 -39.16 0.39 -14.73
N HIS B 144 -40.35 0.97 -15.00
CA HIS B 144 -41.59 0.32 -14.58
C HIS B 144 -41.67 -1.12 -15.11
N LYS B 145 -42.28 -2.04 -14.34
CA LYS B 145 -42.31 -3.42 -14.76
C LYS B 145 -42.96 -3.57 -16.15
N THR B 146 -43.93 -2.72 -16.48
CA THR B 146 -44.69 -2.88 -17.73
C THR B 146 -43.87 -2.47 -18.95
N LEU B 147 -42.68 -1.90 -18.75
CA LEU B 147 -41.89 -1.31 -19.82
C LEU B 147 -40.48 -1.91 -19.86
N ARG B 148 -40.32 -3.15 -19.35
CA ARG B 148 -39.04 -3.83 -19.30
C ARG B 148 -38.59 -4.39 -20.65
N SER B 149 -37.27 -4.43 -20.86
CA SER B 149 -36.60 -4.99 -22.02
C SER B 149 -36.95 -4.19 -23.28
N LYS B 150 -37.16 -2.87 -23.13
CA LYS B 150 -37.39 -2.00 -24.28
C LYS B 150 -36.21 -1.05 -24.52
N ARG B 151 -35.05 -1.31 -23.88
CA ARG B 151 -33.85 -0.50 -24.04
C ARG B 151 -34.08 0.91 -23.50
N LEU B 152 -34.93 1.08 -22.47
CA LEU B 152 -34.99 2.36 -21.78
C LEU B 152 -33.78 2.57 -20.84
N ALA B 153 -33.26 1.50 -20.25
CA ALA B 153 -32.18 1.72 -19.26
C ALA B 153 -30.95 2.37 -19.90
N PRO B 154 -30.48 1.98 -21.11
CA PRO B 154 -29.37 2.68 -21.78
C PRO B 154 -29.65 4.16 -21.98
N VAL B 155 -30.92 4.51 -22.22
CA VAL B 155 -31.20 5.94 -22.41
C VAL B 155 -31.02 6.72 -21.10
N LEU B 156 -31.53 6.17 -19.97
CA LEU B 156 -31.33 6.77 -18.66
CA LEU B 156 -31.33 6.76 -18.66
C LEU B 156 -29.85 6.89 -18.34
N ILE B 157 -29.09 5.84 -18.65
CA ILE B 157 -27.65 5.82 -18.33
C ILE B 157 -26.91 6.90 -19.15
N LYS B 158 -27.24 7.00 -20.44
CA LYS B 158 -26.54 7.95 -21.29
C LYS B 158 -26.93 9.38 -20.88
N GLU B 159 -28.18 9.57 -20.47
CA GLU B 159 -28.59 10.93 -20.13
C GLU B 159 -27.99 11.37 -18.80
N ILE B 160 -27.88 10.45 -17.82
CA ILE B 160 -27.24 10.86 -16.58
C ILE B 160 -25.72 11.06 -16.83
N THR B 161 -25.11 10.24 -17.70
CA THR B 161 -23.69 10.42 -18.01
C THR B 161 -23.47 11.83 -18.58
N ARG B 162 -24.38 12.25 -19.49
CA ARG B 162 -24.26 13.56 -20.11
C ARG B 162 -24.32 14.66 -19.05
N ARG B 163 -25.25 14.54 -18.10
CA ARG B 163 -25.42 15.62 -17.13
C ARG B 163 -24.28 15.64 -16.11
N ILE B 164 -23.67 14.47 -15.85
CA ILE B 164 -22.50 14.40 -14.98
C ILE B 164 -21.30 15.01 -15.69
N ASN B 165 -21.16 14.72 -16.98
CA ASN B 165 -20.06 15.28 -17.76
C ASN B 165 -20.15 16.81 -17.79
N LEU B 166 -21.36 17.37 -17.75
CA LEU B 166 -21.49 18.83 -17.75
C LEU B 166 -20.95 19.48 -16.47
N GLU B 167 -20.63 18.67 -15.44
CA GLU B 167 -20.00 19.16 -14.23
C GLU B 167 -18.51 18.84 -14.22
N ASN B 168 -17.97 18.43 -15.36
CA ASN B 168 -16.53 18.14 -15.53
C ASN B 168 -16.17 16.95 -14.67
N ILE B 169 -17.12 15.98 -14.59
CA ILE B 169 -16.84 14.74 -13.89
C ILE B 169 -16.97 13.62 -14.93
N TRP B 170 -15.98 12.70 -14.95
CA TRP B 170 -15.81 11.74 -16.03
C TRP B 170 -15.71 10.30 -15.56
N GLN B 171 -15.88 10.08 -14.23
CA GLN B 171 -15.85 8.73 -13.68
C GLN B 171 -17.05 8.56 -12.77
N ALA B 172 -17.49 7.31 -12.59
CA ALA B 172 -18.58 7.05 -11.67
C ALA B 172 -18.36 5.70 -11.01
N ILE B 173 -18.97 5.59 -9.83
CA ILE B 173 -18.99 4.31 -9.11
C ILE B 173 -20.44 3.86 -9.00
N TYR B 174 -20.66 2.54 -9.11
CA TYR B 174 -22.03 2.00 -9.02
C TYR B 174 -21.95 0.54 -8.61
N THR B 175 -23.02 0.06 -7.96
CA THR B 175 -23.11 -1.36 -7.61
C THR B 175 -24.35 -1.96 -8.24
N ALA B 176 -24.34 -3.29 -8.44
CA ALA B 176 -25.57 -3.97 -8.87
C ALA B 176 -25.41 -5.43 -8.52
N GLY B 177 -26.55 -6.13 -8.36
CA GLY B 177 -26.51 -7.56 -8.13
C GLY B 177 -26.30 -8.34 -9.43
N VAL B 178 -26.52 -7.69 -10.57
CA VAL B 178 -26.36 -8.38 -11.85
C VAL B 178 -24.92 -8.23 -12.33
N TYR B 179 -24.45 -9.20 -13.09
CA TYR B 179 -23.11 -9.15 -13.63
C TYR B 179 -23.11 -8.32 -14.91
N LEU B 180 -22.19 -7.35 -14.97
CA LEU B 180 -22.05 -6.47 -16.13
C LEU B 180 -20.56 -6.34 -16.42
N PRO B 181 -20.13 -5.86 -17.60
CA PRO B 181 -18.70 -5.57 -17.82
C PRO B 181 -18.24 -4.35 -17.02
N LYS B 182 -17.26 -4.49 -16.11
CA LYS B 182 -16.75 -5.73 -15.51
C LYS B 182 -16.45 -5.38 -14.04
N PRO B 183 -16.79 -6.22 -13.04
CA PRO B 183 -16.65 -5.80 -11.64
C PRO B 183 -15.19 -5.51 -11.30
N VAL B 184 -14.96 -4.48 -10.46
CA VAL B 184 -13.68 -4.31 -9.77
CA VAL B 184 -13.69 -4.31 -9.78
C VAL B 184 -13.59 -5.22 -8.55
N SER B 185 -14.76 -5.58 -8.00
CA SER B 185 -14.81 -6.53 -6.88
C SER B 185 -16.24 -7.05 -6.76
N ASP B 186 -16.43 -8.17 -6.07
CA ASP B 186 -17.72 -8.85 -6.00
C ASP B 186 -17.85 -9.38 -4.57
N ALA B 187 -18.90 -8.94 -3.86
CA ALA B 187 -19.03 -9.23 -2.43
C ALA B 187 -20.34 -9.96 -2.17
N ARG B 188 -20.25 -11.16 -1.60
CA ARG B 188 -21.46 -11.85 -1.19
C ARG B 188 -22.09 -11.15 0.03
N TYR B 189 -23.42 -11.23 0.16
CA TYR B 189 -24.07 -10.77 1.38
C TYR B 189 -24.44 -11.96 2.27
N TYR B 190 -24.47 -11.66 3.57
CA TYR B 190 -24.73 -12.61 4.64
C TYR B 190 -25.77 -11.97 5.56
N HIS B 191 -26.47 -12.83 6.31
CA HIS B 191 -27.62 -12.43 7.11
CA HIS B 191 -27.60 -12.40 7.12
C HIS B 191 -27.49 -12.97 8.52
N ARG B 192 -27.70 -12.10 9.52
CA ARG B 192 -27.73 -12.56 10.90
C ARG B 192 -29.16 -12.45 11.38
N SER B 193 -29.81 -13.60 11.58
CA SER B 193 -31.19 -13.63 12.03
C SER B 193 -31.35 -12.99 13.40
N ILE B 194 -32.37 -12.12 13.57
CA ILE B 194 -32.68 -11.57 14.89
C ILE B 194 -34.06 -12.09 15.34
N ASN B 195 -35.09 -11.86 14.52
CA ASN B 195 -36.43 -12.37 14.81
C ASN B 195 -36.65 -13.66 14.02
N VAL B 196 -36.19 -14.78 14.63
CA VAL B 196 -36.08 -16.09 14.01
C VAL B 196 -37.41 -16.63 13.48
N LYS B 197 -38.44 -16.61 14.33
CA LYS B 197 -39.70 -17.21 13.95
C LYS B 197 -40.25 -16.54 12.69
N LYS B 198 -40.19 -15.20 12.68
CA LYS B 198 -40.69 -14.50 11.50
C LYS B 198 -39.89 -14.94 10.26
N LEU B 199 -38.56 -14.99 10.35
CA LEU B 199 -37.78 -15.32 9.16
C LEU B 199 -38.09 -16.74 8.66
N ILE B 200 -38.42 -17.67 9.57
CA ILE B 200 -38.87 -19.01 9.19
CA ILE B 200 -38.85 -19.00 9.15
C ILE B 200 -40.21 -18.95 8.46
N GLU B 201 -41.17 -18.23 9.04
CA GLU B 201 -42.52 -18.20 8.52
C GLU B 201 -42.53 -17.64 7.11
N ILE B 202 -41.56 -16.76 6.76
CA ILE B 202 -41.64 -16.09 5.46
C ILE B 202 -40.77 -16.80 4.43
N GLY B 203 -40.02 -17.81 4.89
CA GLY B 203 -39.24 -18.68 4.00
C GLY B 203 -37.80 -18.20 3.87
N PHE B 204 -37.48 -17.09 4.54
CA PHE B 204 -36.13 -16.56 4.42
C PHE B 204 -35.15 -17.56 5.00
N SER B 205 -35.45 -18.07 6.20
CA SER B 205 -34.59 -19.09 6.81
C SER B 205 -35.31 -20.43 6.89
N SER B 206 -34.55 -21.48 7.23
CA SER B 206 -35.11 -22.83 7.22
CA SER B 206 -35.08 -22.84 7.20
C SER B 206 -34.80 -23.58 8.51
N LEU B 207 -35.64 -24.58 8.79
CA LEU B 207 -35.48 -25.50 9.91
C LEU B 207 -35.16 -26.90 9.37
N ASN B 208 -34.61 -27.75 10.22
CA ASN B 208 -34.51 -29.15 9.85
C ASN B 208 -34.76 -29.99 11.11
N SER B 209 -34.64 -31.33 10.94
CA SER B 209 -34.93 -32.29 11.99
C SER B 209 -34.09 -32.03 13.23
N ARG B 210 -32.84 -31.56 13.00
CA ARG B 210 -31.92 -31.17 14.05
C ARG B 210 -32.24 -29.76 14.56
N LEU B 211 -32.60 -28.86 13.64
CA LEU B 211 -32.85 -27.47 14.00
C LEU B 211 -34.37 -27.23 13.97
N THR B 212 -34.99 -27.48 15.11
CA THR B 212 -36.41 -27.24 15.28
C THR B 212 -36.63 -25.76 15.57
N MET B 213 -37.90 -25.35 15.60
CA MET B 213 -38.22 -23.95 15.86
C MET B 213 -37.62 -23.48 17.20
N SER B 214 -37.83 -24.22 18.30
CA SER B 214 -37.28 -23.76 19.58
C SER B 214 -35.75 -23.74 19.54
N ARG B 215 -35.15 -24.73 18.90
CA ARG B 215 -33.67 -24.73 18.87
C ARG B 215 -33.14 -23.55 18.06
N ALA B 216 -33.88 -23.15 17.00
CA ALA B 216 -33.43 -22.01 16.20
C ALA B 216 -33.52 -20.71 16.98
N ILE B 217 -34.63 -20.55 17.74
CA ILE B 217 -34.79 -19.36 18.55
C ILE B 217 -33.67 -19.29 19.60
N LYS B 218 -33.31 -20.45 20.16
CA LYS B 218 -32.27 -20.51 21.17
C LYS B 218 -30.92 -20.17 20.54
N LEU B 219 -30.70 -20.68 19.34
CA LEU B 219 -29.41 -20.50 18.67
C LEU B 219 -29.14 -19.00 18.42
N TYR B 220 -30.18 -18.21 18.10
CA TYR B 220 -29.96 -16.85 17.65
C TYR B 220 -30.21 -15.87 18.79
N ARG B 221 -30.49 -16.37 20.00
CA ARG B 221 -30.76 -15.51 21.15
CA ARG B 221 -30.76 -15.51 21.13
C ARG B 221 -29.52 -14.67 21.47
N VAL B 222 -29.75 -13.41 21.87
CA VAL B 222 -28.62 -12.57 22.25
C VAL B 222 -28.82 -11.95 23.65
N GLU B 223 -27.70 -11.76 24.34
CA GLU B 223 -27.68 -11.14 25.69
C GLU B 223 -27.90 -9.65 25.46
N ASP B 224 -28.81 -9.03 26.20
CA ASP B 224 -29.11 -7.58 26.04
C ASP B 224 -28.12 -6.69 26.81
N THR B 225 -26.82 -6.92 26.65
CA THR B 225 -25.76 -6.12 27.31
C THR B 225 -24.62 -5.90 26.30
N LEU B 226 -24.26 -4.64 26.12
CA LEU B 226 -23.21 -4.23 25.18
C LEU B 226 -21.85 -4.65 25.72
N ASN B 227 -20.98 -5.07 24.79
CA ASN B 227 -19.57 -5.31 25.07
C ASN B 227 -18.87 -4.00 25.39
N ILE B 228 -19.28 -2.93 24.69
CA ILE B 228 -18.74 -1.57 24.82
C ILE B 228 -19.87 -0.76 25.47
N LYS B 229 -19.82 -0.68 26.81
CA LYS B 229 -20.94 -0.19 27.61
C LYS B 229 -21.42 1.21 27.24
N ASN B 230 -20.50 2.09 26.80
CA ASN B 230 -20.87 3.48 26.61
C ASN B 230 -21.27 3.81 25.16
N MET B 231 -21.46 2.81 24.32
CA MET B 231 -21.88 3.02 22.95
CA MET B 231 -21.90 3.04 22.95
C MET B 231 -23.20 3.82 22.97
N ARG B 232 -23.21 4.99 22.29
CA ARG B 232 -24.39 5.84 22.37
C ARG B 232 -24.66 6.50 21.02
N LEU B 233 -25.89 6.97 20.82
CA LEU B 233 -26.20 7.63 19.56
C LEU B 233 -25.28 8.82 19.33
N MET B 234 -24.83 8.94 18.09
CA MET B 234 -23.99 10.05 17.67
C MET B 234 -24.75 11.36 17.78
N LYS B 235 -24.01 12.41 18.16
CA LYS B 235 -24.49 13.79 18.23
CA LYS B 235 -24.50 13.79 18.22
C LYS B 235 -23.61 14.70 17.37
N LYS B 236 -24.11 15.91 17.10
CA LYS B 236 -23.35 16.85 16.28
C LYS B 236 -21.93 17.08 16.82
N LYS B 237 -21.74 17.15 18.15
CA LYS B 237 -20.39 17.41 18.68
CA LYS B 237 -20.40 17.40 18.71
C LYS B 237 -19.41 16.29 18.35
N ASP B 238 -19.92 15.12 17.89
CA ASP B 238 -19.09 13.96 17.59
C ASP B 238 -18.60 13.97 16.14
N VAL B 239 -19.01 14.94 15.30
CA VAL B 239 -18.70 14.86 13.88
C VAL B 239 -17.19 14.85 13.66
N GLU B 240 -16.45 15.77 14.32
CA GLU B 240 -15.00 15.84 14.11
CA GLU B 240 -15.00 15.87 14.17
C GLU B 240 -14.35 14.52 14.48
N GLY B 241 -14.76 13.95 15.62
CA GLY B 241 -14.16 12.70 16.05
C GLY B 241 -14.46 11.50 15.14
N VAL B 242 -15.69 11.43 14.65
CA VAL B 242 -16.06 10.38 13.71
C VAL B 242 -15.27 10.57 12.41
N HIS B 243 -15.16 11.82 11.97
CA HIS B 243 -14.42 12.10 10.74
C HIS B 243 -12.97 11.63 10.83
N LYS B 244 -12.33 11.83 12.00
CA LYS B 244 -10.96 11.40 12.20
CA LYS B 244 -10.96 11.41 12.22
C LYS B 244 -10.88 9.87 12.29
N LEU B 245 -11.79 9.26 13.04
CA LEU B 245 -11.70 7.82 13.22
C LEU B 245 -11.93 7.10 11.89
N LEU B 246 -13.05 7.44 11.24
CA LEU B 246 -13.38 6.73 10.00
C LEU B 246 -12.39 7.07 8.88
N GLY B 247 -12.00 8.33 8.78
CA GLY B 247 -11.05 8.77 7.76
C GLY B 247 -9.74 7.99 7.85
N SER B 248 -9.18 7.86 9.07
N SER B 248 -9.17 7.85 9.06
CA SER B 248 -7.95 7.11 9.23
CA SER B 248 -7.94 7.10 9.21
C SER B 248 -8.15 5.65 8.85
C SER B 248 -8.15 5.64 8.85
N TYR B 249 -9.29 5.08 9.25
CA TYR B 249 -9.54 3.67 9.06
C TYR B 249 -9.67 3.32 7.58
N LEU B 250 -10.31 4.19 6.81
CA LEU B 250 -10.63 3.81 5.44
C LEU B 250 -9.40 3.81 4.51
N GLU B 251 -8.33 4.48 4.92
CA GLU B 251 -7.17 4.61 4.04
C GLU B 251 -6.51 3.26 3.71
N GLN B 252 -6.76 2.23 4.53
CA GLN B 252 -6.17 0.93 4.23
C GLN B 252 -6.80 0.24 3.02
N PHE B 253 -7.99 0.64 2.57
CA PHE B 253 -8.67 -0.12 1.54
C PHE B 253 -8.29 0.33 0.12
N ASN B 254 -8.64 -0.50 -0.86
CA ASN B 254 -8.34 -0.22 -2.27
C ASN B 254 -9.42 0.65 -2.92
N LEU B 255 -10.58 0.82 -2.27
CA LEU B 255 -11.67 1.60 -2.84
C LEU B 255 -12.49 2.15 -1.67
N TYR B 256 -12.54 3.47 -1.53
CA TYR B 256 -13.28 4.06 -0.42
C TYR B 256 -13.63 5.50 -0.77
N ALA B 257 -14.69 6.04 -0.11
CA ALA B 257 -15.00 7.47 -0.25
C ALA B 257 -14.12 8.28 0.67
N VAL B 258 -13.67 9.44 0.20
CA VAL B 258 -12.88 10.33 1.04
C VAL B 258 -13.86 11.35 1.60
N PHE B 259 -14.42 11.12 2.78
CA PHE B 259 -15.48 11.98 3.30
C PHE B 259 -14.89 13.28 3.84
N THR B 260 -15.59 14.38 3.52
CA THR B 260 -15.37 15.63 4.23
C THR B 260 -16.16 15.67 5.54
N LYS B 261 -15.91 16.70 6.37
CA LYS B 261 -16.61 16.86 7.62
CA LYS B 261 -16.61 16.86 7.62
C LYS B 261 -18.11 17.03 7.36
N GLU B 262 -18.48 17.80 6.31
CA GLU B 262 -19.90 18.00 6.07
CA GLU B 262 -19.88 18.01 6.02
C GLU B 262 -20.53 16.67 5.61
N GLU B 263 -19.77 15.87 4.87
CA GLU B 263 -20.27 14.57 4.46
C GLU B 263 -20.42 13.64 5.69
N ILE B 264 -19.49 13.69 6.66
CA ILE B 264 -19.66 12.88 7.85
C ILE B 264 -20.97 13.25 8.57
N ALA B 265 -21.23 14.55 8.71
CA ALA B 265 -22.46 14.98 9.33
C ALA B 265 -23.67 14.44 8.59
N HIS B 266 -23.70 14.55 7.25
CA HIS B 266 -24.87 14.10 6.54
C HIS B 266 -25.05 12.57 6.60
N TRP B 267 -23.96 11.81 6.39
CA TRP B 267 -24.12 10.37 6.20
C TRP B 267 -24.29 9.65 7.55
N PHE B 268 -23.90 10.30 8.67
CA PHE B 268 -23.86 9.54 9.93
C PHE B 268 -24.79 10.10 11.00
N LEU B 269 -25.12 11.40 11.01
CA LEU B 269 -25.91 11.83 12.17
C LEU B 269 -27.27 11.16 12.12
N PRO B 270 -27.78 10.57 13.23
CA PRO B 270 -28.92 9.65 13.22
C PRO B 270 -30.23 10.27 12.75
N ILE B 271 -30.98 9.50 11.97
CA ILE B 271 -32.34 9.86 11.57
C ILE B 271 -33.15 8.60 11.77
N GLU B 272 -34.14 8.69 12.65
CA GLU B 272 -35.00 7.56 12.96
CA GLU B 272 -34.95 7.52 12.96
C GLU B 272 -35.51 6.90 11.68
N ASN B 273 -35.45 5.56 11.65
CA ASN B 273 -35.93 4.74 10.54
C ASN B 273 -35.13 4.98 9.26
N VAL B 274 -33.93 5.57 9.35
CA VAL B 274 -33.11 5.78 8.14
C VAL B 274 -31.67 5.34 8.44
N ILE B 275 -30.99 6.04 9.37
CA ILE B 275 -29.57 5.83 9.63
C ILE B 275 -29.34 5.88 11.14
N TYR B 276 -28.57 4.90 11.58
CA TYR B 276 -28.27 4.75 13.01
C TYR B 276 -26.74 4.74 13.13
N THR B 277 -26.20 5.68 13.92
CA THR B 277 -24.78 5.66 14.22
C THR B 277 -24.60 5.76 15.73
N TYR B 278 -23.72 4.90 16.27
CA TYR B 278 -23.39 4.90 17.69
C TYR B 278 -21.88 5.10 17.81
N VAL B 279 -21.45 5.81 18.86
CA VAL B 279 -20.03 6.06 19.15
C VAL B 279 -19.72 5.69 20.60
N ASN B 280 -18.43 5.41 20.80
CA ASN B 280 -17.83 5.29 22.12
C ASN B 280 -16.82 6.41 22.29
N GLU B 281 -17.14 7.32 23.20
CA GLU B 281 -16.26 8.44 23.50
C GLU B 281 -15.53 8.14 24.81
N GLU B 282 -14.20 8.21 24.77
CA GLU B 282 -13.37 7.88 25.93
C GLU B 282 -12.30 8.97 26.04
N ASN B 283 -12.31 9.70 27.17
CA ASN B 283 -11.33 10.77 27.42
CA ASN B 283 -11.32 10.75 27.39
C ASN B 283 -11.28 11.73 26.22
N GLY B 284 -12.44 12.28 25.87
CA GLY B 284 -12.60 13.33 24.87
C GLY B 284 -12.56 12.88 23.40
N LYS B 285 -12.33 11.59 23.17
CA LYS B 285 -12.03 11.12 21.83
CA LYS B 285 -12.00 11.11 21.84
C LYS B 285 -13.00 10.02 21.41
N ILE B 286 -13.41 10.07 20.13
CA ILE B 286 -14.24 8.99 19.60
C ILE B 286 -13.32 7.81 19.24
N LYS B 287 -13.52 6.66 19.90
CA LYS B 287 -12.61 5.54 19.74
C LYS B 287 -13.25 4.37 19.02
N ASP B 288 -14.60 4.30 19.03
CA ASP B 288 -15.24 3.22 18.28
C ASP B 288 -16.52 3.76 17.67
N MET B 289 -16.97 3.14 16.56
CA MET B 289 -18.25 3.53 15.96
C MET B 289 -18.94 2.32 15.33
N ILE B 290 -20.27 2.36 15.35
CA ILE B 290 -21.12 1.39 14.70
C ILE B 290 -22.16 2.16 13.88
N SER B 291 -22.42 1.72 12.65
CA SER B 291 -23.50 2.36 11.90
C SER B 291 -24.20 1.34 11.02
N PHE B 292 -25.52 1.50 10.88
CA PHE B 292 -26.33 0.68 9.98
C PHE B 292 -27.52 1.50 9.50
N TYR B 293 -27.98 1.20 8.28
CA TYR B 293 -29.14 1.90 7.75
C TYR B 293 -30.35 0.97 7.65
N SER B 294 -31.54 1.58 7.60
CA SER B 294 -32.79 0.85 7.58
C SER B 294 -33.22 0.66 6.11
N LEU B 295 -33.37 -0.59 5.66
CA LEU B 295 -33.85 -0.81 4.30
C LEU B 295 -34.82 -2.00 4.35
N PRO B 296 -36.14 -1.75 4.54
CA PRO B 296 -37.12 -2.84 4.60
C PRO B 296 -37.29 -3.47 3.21
N SER B 297 -37.62 -4.76 3.18
CA SER B 297 -38.07 -5.38 1.91
C SER B 297 -39.54 -5.73 2.07
N GLN B 298 -40.39 -5.33 1.10
CA GLN B 298 -41.74 -5.87 1.01
C GLN B 298 -41.67 -7.38 0.79
N ILE B 299 -42.51 -8.12 1.54
CA ILE B 299 -42.56 -9.56 1.41
C ILE B 299 -43.73 -9.83 0.47
N LEU B 300 -43.42 -10.37 -0.72
CA LEU B 300 -44.42 -10.37 -1.77
C LEU B 300 -45.38 -11.54 -1.50
N GLY B 301 -46.68 -11.27 -1.43
CA GLY B 301 -47.70 -12.30 -1.25
C GLY B 301 -47.61 -13.11 0.06
N ASN B 302 -47.34 -12.44 1.19
CA ASN B 302 -47.47 -13.07 2.50
C ASN B 302 -48.57 -12.32 3.25
N ASP B 303 -49.61 -13.04 3.69
CA ASP B 303 -50.77 -12.37 4.28
C ASP B 303 -50.49 -12.00 5.75
N LYS B 304 -49.53 -12.68 6.38
CA LYS B 304 -49.27 -12.38 7.78
C LYS B 304 -48.31 -11.20 7.93
N TYR B 305 -47.24 -11.24 7.13
CA TYR B 305 -46.18 -10.26 7.25
C TYR B 305 -46.04 -9.49 5.93
N SER B 306 -46.05 -8.18 6.01
CA SER B 306 -45.99 -7.43 4.76
C SER B 306 -44.54 -6.97 4.48
N THR B 307 -43.74 -6.90 5.54
CA THR B 307 -42.46 -6.21 5.49
C THR B 307 -41.42 -6.96 6.32
N LEU B 308 -40.21 -7.16 5.77
CA LEU B 308 -39.02 -7.59 6.50
C LEU B 308 -38.24 -6.33 6.89
N ASN B 309 -38.11 -6.07 8.19
CA ASN B 309 -37.40 -4.89 8.68
C ASN B 309 -35.91 -5.24 8.82
N ALA B 310 -35.07 -4.74 7.91
CA ALA B 310 -33.67 -5.16 7.87
C ALA B 310 -32.77 -3.96 8.17
N ALA B 311 -31.76 -4.21 8.99
CA ALA B 311 -30.64 -3.28 9.20
C ALA B 311 -29.47 -3.72 8.32
N TYR B 312 -28.86 -2.77 7.64
CA TYR B 312 -27.71 -3.04 6.77
C TYR B 312 -26.47 -2.41 7.34
N SER B 313 -25.45 -3.25 7.62
CA SER B 313 -24.18 -2.78 8.14
C SER B 313 -23.62 -1.70 7.21
N PHE B 314 -23.11 -0.60 7.82
CA PHE B 314 -22.64 0.53 7.03
C PHE B 314 -21.14 0.70 7.26
N TYR B 315 -20.73 1.50 8.27
CA TYR B 315 -19.30 1.58 8.60
C TYR B 315 -19.11 1.35 10.10
N ASN B 316 -18.19 0.40 10.42
CA ASN B 316 -17.93 0.00 11.82
C ASN B 316 -16.42 0.03 12.05
N VAL B 317 -15.99 0.67 13.14
CA VAL B 317 -14.57 0.78 13.43
C VAL B 317 -14.40 0.58 14.93
N THR B 318 -13.41 -0.25 15.31
CA THR B 318 -13.08 -0.39 16.73
C THR B 318 -11.60 -0.19 17.00
N THR B 319 -11.29 0.54 18.07
CA THR B 319 -9.92 0.61 18.60
C THR B 319 -9.85 0.13 20.05
N THR B 320 -11.00 -0.11 20.70
CA THR B 320 -10.95 -0.48 22.14
C THR B 320 -11.45 -1.91 22.38
N ALA B 321 -11.90 -2.59 21.32
CA ALA B 321 -12.49 -3.91 21.42
C ALA B 321 -12.03 -4.74 20.23
N THR B 322 -12.41 -6.03 20.16
CA THR B 322 -12.18 -6.78 18.94
C THR B 322 -13.27 -6.46 17.92
N PHE B 323 -12.98 -6.71 16.62
CA PHE B 323 -14.01 -6.47 15.62
C PHE B 323 -15.23 -7.36 15.87
N LYS B 324 -15.02 -8.60 16.33
CA LYS B 324 -16.11 -9.48 16.68
CA LYS B 324 -16.12 -9.48 16.68
C LYS B 324 -16.99 -8.87 17.77
N GLN B 325 -16.37 -8.36 18.85
CA GLN B 325 -17.11 -7.71 19.92
CA GLN B 325 -17.07 -7.69 19.94
C GLN B 325 -17.89 -6.50 19.41
N LEU B 326 -17.28 -5.74 18.50
CA LEU B 326 -17.97 -4.55 17.99
C LEU B 326 -19.21 -4.96 17.17
N MET B 327 -19.04 -5.93 16.27
CA MET B 327 -20.17 -6.36 15.45
C MET B 327 -21.22 -7.13 16.28
N GLN B 328 -20.82 -7.73 17.41
CA GLN B 328 -21.83 -8.30 18.29
C GLN B 328 -22.70 -7.17 18.86
N ASP B 329 -22.05 -6.05 19.20
CA ASP B 329 -22.80 -4.90 19.69
C ASP B 329 -23.66 -4.31 18.58
N ALA B 330 -23.17 -4.35 17.33
CA ALA B 330 -23.97 -3.84 16.22
C ALA B 330 -25.28 -4.65 16.12
N ILE B 331 -25.18 -5.99 16.22
CA ILE B 331 -26.35 -6.86 16.12
C ILE B 331 -27.32 -6.52 17.25
N LEU B 332 -26.79 -6.30 18.47
CA LEU B 332 -27.66 -6.01 19.60
C LEU B 332 -28.33 -4.65 19.40
N LEU B 333 -27.58 -3.64 18.93
CA LEU B 333 -28.21 -2.34 18.72
C LEU B 333 -29.28 -2.43 17.64
N ALA B 334 -29.05 -3.25 16.59
CA ALA B 334 -30.13 -3.46 15.62
C ALA B 334 -31.33 -4.14 16.26
N LYS B 335 -31.12 -5.14 17.11
CA LYS B 335 -32.22 -5.80 17.80
C LYS B 335 -33.00 -4.81 18.69
N ARG B 336 -32.30 -3.93 19.40
CA ARG B 336 -32.94 -2.92 20.25
C ARG B 336 -33.79 -1.94 19.46
N ASN B 337 -33.45 -1.74 18.17
CA ASN B 337 -34.18 -0.87 17.27
C ASN B 337 -35.23 -1.61 16.43
N ASN B 338 -35.60 -2.86 16.80
CA ASN B 338 -36.75 -3.55 16.27
C ASN B 338 -36.49 -4.12 14.87
N PHE B 339 -35.20 -4.36 14.51
CA PHE B 339 -34.96 -4.97 13.19
C PHE B 339 -35.03 -6.49 13.28
N ASP B 340 -35.41 -7.13 12.18
CA ASP B 340 -35.69 -8.56 12.17
C ASP B 340 -34.44 -9.35 11.79
N VAL B 341 -33.48 -8.66 11.15
CA VAL B 341 -32.31 -9.31 10.54
C VAL B 341 -31.25 -8.21 10.33
N PHE B 342 -29.98 -8.62 10.37
CA PHE B 342 -28.86 -7.70 10.21
C PHE B 342 -28.05 -8.21 9.02
N ASN B 343 -27.96 -7.37 7.97
CA ASN B 343 -27.40 -7.78 6.68
C ASN B 343 -26.02 -7.15 6.48
N ALA B 344 -25.05 -7.92 6.02
CA ALA B 344 -23.72 -7.34 5.81
C ALA B 344 -23.08 -7.98 4.56
N LEU B 345 -22.22 -7.22 3.90
CA LEU B 345 -21.40 -7.73 2.80
C LEU B 345 -20.04 -8.16 3.31
N GLU B 346 -19.39 -9.07 2.57
CA GLU B 346 -18.04 -9.50 2.90
C GLU B 346 -17.00 -8.45 2.47
N VAL B 347 -17.20 -7.20 2.87
CA VAL B 347 -16.27 -6.10 2.60
C VAL B 347 -15.58 -5.71 3.92
N MET B 348 -14.51 -4.90 3.81
CA MET B 348 -13.77 -4.47 4.98
C MET B 348 -13.41 -5.70 5.82
N GLN B 349 -13.56 -5.66 7.16
CA GLN B 349 -13.18 -6.80 8.00
C GLN B 349 -14.38 -7.73 8.31
N ASN B 350 -15.49 -7.59 7.58
CA ASN B 350 -16.74 -8.23 7.98
C ASN B 350 -16.67 -9.73 7.92
N LYS B 351 -16.03 -10.31 6.88
CA LYS B 351 -16.12 -11.76 6.70
C LYS B 351 -15.53 -12.51 7.90
N SER B 352 -14.55 -11.88 8.55
CA SER B 352 -13.81 -12.50 9.66
C SER B 352 -14.73 -12.80 10.85
N VAL B 353 -15.92 -12.18 10.94
CA VAL B 353 -16.76 -12.42 12.12
C VAL B 353 -18.02 -13.21 11.77
N PHE B 354 -18.24 -13.51 10.48
CA PHE B 354 -19.53 -14.08 10.08
C PHE B 354 -19.78 -15.44 10.72
N GLU B 355 -18.78 -16.33 10.79
CA GLU B 355 -19.04 -17.64 11.37
CA GLU B 355 -19.04 -17.63 11.35
C GLU B 355 -19.32 -17.54 12.86
N ASP B 356 -18.46 -16.81 13.58
CA ASP B 356 -18.59 -16.77 15.02
C ASP B 356 -19.86 -16.05 15.44
N LEU B 357 -20.34 -15.12 14.60
CA LEU B 357 -21.54 -14.40 15.01
C LEU B 357 -22.79 -14.97 14.35
N LYS B 358 -22.69 -16.14 13.70
CA LYS B 358 -23.85 -16.94 13.30
C LYS B 358 -24.56 -16.27 12.13
N PHE B 359 -23.79 -15.57 11.29
CA PHE B 359 -24.35 -15.13 10.02
C PHE B 359 -24.48 -16.31 9.05
N GLY B 360 -25.54 -16.32 8.24
CA GLY B 360 -25.65 -17.32 7.18
C GLY B 360 -25.40 -16.67 5.81
N GLU B 361 -24.75 -17.40 4.92
CA GLU B 361 -24.49 -16.96 3.57
C GLU B 361 -25.82 -16.78 2.83
N GLY B 362 -25.96 -15.65 2.11
CA GLY B 362 -27.13 -15.37 1.31
C GLY B 362 -27.08 -16.11 -0.04
N ASP B 363 -27.90 -15.66 -0.99
CA ASP B 363 -28.10 -16.35 -2.25
CA ASP B 363 -27.98 -16.41 -2.23
C ASP B 363 -27.47 -15.60 -3.42
N GLY B 364 -26.69 -14.55 -3.14
CA GLY B 364 -26.12 -13.85 -4.28
C GLY B 364 -25.06 -12.86 -3.81
N SER B 365 -24.63 -11.99 -4.73
CA SER B 365 -23.53 -11.07 -4.43
C SER B 365 -23.81 -9.70 -5.05
N LEU B 366 -23.15 -8.68 -4.47
CA LEU B 366 -23.19 -7.32 -4.98
C LEU B 366 -21.85 -7.03 -5.65
N LYS B 367 -21.95 -6.63 -6.94
CA LYS B 367 -20.76 -6.34 -7.73
C LYS B 367 -20.49 -4.83 -7.69
N TYR B 368 -19.21 -4.47 -7.56
CA TYR B 368 -18.77 -3.07 -7.54
C TYR B 368 -18.17 -2.73 -8.90
N TYR B 369 -18.54 -1.55 -9.41
CA TYR B 369 -18.13 -1.16 -10.76
C TYR B 369 -17.59 0.27 -10.76
N LEU B 370 -16.66 0.55 -11.66
CA LEU B 370 -16.27 1.91 -12.00
C LEU B 370 -16.55 2.16 -13.46
N TYR B 371 -16.93 3.39 -13.77
CA TYR B 371 -17.16 3.82 -15.14
C TYR B 371 -15.99 4.71 -15.56
N ASN B 372 -15.42 4.40 -16.76
CA ASN B 372 -14.27 5.11 -17.32
C ASN B 372 -13.05 5.03 -16.40
N TRP B 373 -12.77 3.82 -15.90
CA TRP B 373 -11.58 3.61 -15.06
C TRP B 373 -11.05 2.20 -15.25
N LYS B 374 -9.75 2.12 -15.58
CA LYS B 374 -9.13 0.81 -15.75
CA LYS B 374 -9.14 0.81 -15.73
C LYS B 374 -8.17 0.59 -14.58
N CYS B 375 -8.30 -0.58 -13.97
CA CYS B 375 -7.47 -0.92 -12.82
C CYS B 375 -7.57 -2.41 -12.53
N ALA B 376 -6.68 -2.89 -11.62
CA ALA B 376 -6.77 -4.28 -11.21
C ALA B 376 -8.01 -4.49 -10.34
N SER B 377 -8.60 -5.68 -10.48
CA SER B 377 -9.69 -6.09 -9.60
C SER B 377 -9.10 -6.63 -8.29
N PHE B 378 -9.96 -6.77 -7.26
CA PHE B 378 -9.47 -7.17 -5.96
C PHE B 378 -10.55 -7.90 -5.16
N ALA B 379 -10.08 -8.68 -4.19
CA ALA B 379 -10.94 -9.42 -3.25
C ALA B 379 -11.75 -8.41 -2.45
N PRO B 380 -13.01 -8.74 -2.07
CA PRO B 380 -13.89 -7.78 -1.41
C PRO B 380 -13.42 -7.28 -0.04
N ALA B 381 -12.51 -8.01 0.66
CA ALA B 381 -11.99 -7.50 1.92
C ALA B 381 -11.24 -6.17 1.69
N HIS B 382 -10.85 -5.90 0.43
CA HIS B 382 -10.17 -4.64 0.11
C HIS B 382 -11.15 -3.54 -0.29
N VAL B 383 -12.45 -3.87 -0.36
CA VAL B 383 -13.48 -2.84 -0.58
C VAL B 383 -13.76 -2.13 0.72
N GLY B 384 -13.71 -0.77 0.69
CA GLY B 384 -13.99 0.02 1.88
C GLY B 384 -15.13 1.03 1.67
N ILE B 385 -16.11 0.66 0.83
CA ILE B 385 -17.26 1.55 0.60
C ILE B 385 -18.53 0.71 0.53
N VAL B 386 -19.64 1.27 1.06
CA VAL B 386 -20.94 0.61 1.02
C VAL B 386 -21.90 1.60 0.35
N LEU B 387 -22.52 1.21 -0.77
CA LEU B 387 -23.52 2.04 -1.44
CA LEU B 387 -23.52 2.05 -1.43
C LEU B 387 -24.93 1.62 -0.97
N LEU B 388 -25.87 2.57 -0.97
CA LEU B 388 -27.17 2.33 -0.34
C LEU B 388 -28.09 1.43 -1.19
N ASP C 5 33.14 9.10 12.89
CA ASP C 5 31.75 9.27 13.43
C ASP C 5 31.26 10.68 13.12
N TYR C 6 29.96 10.87 13.32
CA TYR C 6 29.25 12.10 13.00
C TYR C 6 28.52 12.52 14.27
N LYS C 7 29.26 13.08 15.23
CA LYS C 7 28.71 13.30 16.57
CA LYS C 7 28.71 13.29 16.57
C LYS C 7 27.55 14.30 16.55
N PHE C 8 27.60 15.30 15.66
CA PHE C 8 26.46 16.21 15.55
C PHE C 8 25.32 15.57 14.76
N TRP C 9 25.63 15.10 13.54
CA TRP C 9 24.60 14.56 12.66
C TRP C 9 23.82 13.42 13.29
N TYR C 10 24.49 12.63 14.15
CA TYR C 10 23.92 11.48 14.86
CA TYR C 10 23.76 11.47 14.67
C TYR C 10 22.75 11.89 15.76
N THR C 11 22.78 13.15 16.23
CA THR C 11 21.73 13.65 17.11
C THR C 11 20.52 14.18 16.33
N GLN C 12 20.64 14.24 14.99
CA GLN C 12 19.62 14.87 14.17
C GLN C 12 18.72 13.82 13.53
N PRO C 13 17.47 14.18 13.13
CA PRO C 13 16.57 13.29 12.40
C PRO C 13 16.99 13.12 10.92
N VAL C 14 18.09 12.41 10.72
CA VAL C 14 18.59 12.06 9.38
C VAL C 14 19.02 10.60 9.43
N PRO C 15 19.22 9.92 8.29
CA PRO C 15 19.56 8.48 8.30
C PRO C 15 20.96 8.30 8.87
N LYS C 16 21.21 7.13 9.46
CA LYS C 16 22.60 6.75 9.74
C LYS C 16 23.34 6.41 8.45
N ILE C 17 24.68 6.41 8.53
CA ILE C 17 25.50 6.34 7.33
C ILE C 17 25.34 5.00 6.61
N ASN C 18 24.85 3.96 7.30
CA ASN C 18 24.66 2.67 6.64
C ASN C 18 23.20 2.37 6.35
N ASP C 19 22.29 3.32 6.65
CA ASP C 19 20.86 3.05 6.50
C ASP C 19 20.44 2.91 5.04
N GLU C 20 19.56 1.95 4.75
CA GLU C 20 18.92 1.85 3.44
C GLU C 20 17.43 1.63 3.66
N PHE C 21 16.61 2.13 2.74
CA PHE C 21 15.18 2.07 2.94
C PHE C 21 14.54 1.43 1.73
N ASN C 22 13.42 0.74 1.98
CA ASN C 22 12.61 0.10 0.96
CA ASN C 22 12.71 0.11 0.89
C ASN C 22 11.91 1.15 0.10
N GLU C 23 11.51 0.76 -1.10
CA GLU C 23 11.00 1.75 -2.09
C GLU C 23 9.68 2.34 -1.58
N SER C 24 9.05 1.72 -0.61
CA SER C 24 7.77 2.24 -0.20
C SER C 24 7.86 3.24 0.95
N VAL C 25 8.94 3.23 1.73
CA VAL C 25 9.11 4.13 2.86
C VAL C 25 9.23 5.57 2.36
N ASN C 26 8.38 6.48 2.85
CA ASN C 26 8.43 7.86 2.37
C ASN C 26 7.72 8.71 3.41
N GLU C 27 8.45 9.08 4.48
CA GLU C 27 7.79 9.74 5.61
C GLU C 27 8.82 10.41 6.50
N PRO C 28 8.40 11.28 7.46
CA PRO C 28 9.33 11.89 8.42
C PRO C 28 10.03 10.86 9.33
N PHE C 29 11.20 11.23 9.86
CA PHE C 29 11.72 10.49 10.98
C PHE C 29 10.91 10.78 12.24
N ILE C 30 10.56 12.07 12.41
CA ILE C 30 9.79 12.58 13.55
C ILE C 30 8.55 13.32 13.05
N SER C 31 7.37 12.81 13.42
CA SER C 31 6.08 13.39 13.09
CA SER C 31 6.13 13.48 13.08
C SER C 31 5.45 14.04 14.32
N ASP C 32 4.30 14.68 14.13
CA ASP C 32 3.49 15.26 15.18
CA ASP C 32 3.49 15.24 15.22
C ASP C 32 4.27 16.35 15.95
N ASN C 33 5.04 17.11 15.20
CA ASN C 33 5.81 18.20 15.75
C ASN C 33 4.89 19.36 16.11
N LYS C 34 5.25 20.16 17.12
CA LYS C 34 4.40 21.27 17.54
C LYS C 34 5.16 22.59 17.61
N VAL C 35 4.67 23.61 16.88
CA VAL C 35 5.24 24.94 16.92
C VAL C 35 5.31 25.45 18.36
N GLU C 36 4.27 25.19 19.17
CA GLU C 36 4.22 25.71 20.54
CA GLU C 36 4.26 25.75 20.52
C GLU C 36 5.42 25.22 21.35
N ASP C 37 5.99 24.06 20.99
CA ASP C 37 7.06 23.49 21.81
C ASP C 37 8.46 23.90 21.33
N VAL C 38 8.57 24.59 20.19
CA VAL C 38 9.88 24.97 19.66
C VAL C 38 10.58 25.94 20.60
N ARG C 39 11.90 25.76 20.76
CA ARG C 39 12.69 26.67 21.58
C ARG C 39 12.50 28.11 21.11
N LYS C 40 12.24 29.02 22.07
CA LYS C 40 12.04 30.41 21.69
C LYS C 40 13.32 31.23 21.81
N ASP C 41 14.34 30.68 22.47
CA ASP C 41 15.64 31.30 22.72
C ASP C 41 16.60 30.99 21.54
N GLU C 42 17.34 32.00 21.05
CA GLU C 42 18.41 31.75 20.10
C GLU C 42 19.51 30.91 20.73
N TYR C 43 20.13 30.03 19.91
CA TYR C 43 21.24 29.21 20.37
C TYR C 43 22.40 30.10 20.83
N LYS C 44 23.16 29.55 21.78
CA LYS C 44 24.30 30.27 22.35
CA LYS C 44 24.28 30.29 22.33
C LYS C 44 25.50 30.27 21.41
N LEU C 45 26.11 31.47 21.31
CA LEU C 45 27.35 31.68 20.58
C LEU C 45 28.50 31.90 21.58
N PRO C 46 29.78 31.72 21.20
CA PRO C 46 30.92 31.99 22.08
C PRO C 46 31.02 33.46 22.44
N PRO C 47 31.72 33.84 23.52
CA PRO C 47 31.82 35.22 23.96
C PRO C 47 32.34 36.15 22.88
N GLY C 48 31.60 37.26 22.70
CA GLY C 48 31.94 38.27 21.72
C GLY C 48 31.33 38.06 20.35
N TYR C 49 30.53 37.02 20.18
CA TYR C 49 29.87 36.77 18.90
C TYR C 49 28.37 36.95 19.06
N SER C 50 27.71 37.50 18.03
CA SER C 50 26.31 37.87 18.10
CA SER C 50 26.30 37.77 18.13
C SER C 50 25.56 37.44 16.83
N TRP C 51 24.29 37.03 17.02
CA TRP C 51 23.37 36.86 15.90
C TRP C 51 23.08 38.21 15.28
N TYR C 52 22.96 38.21 13.94
CA TYR C 52 22.69 39.42 13.21
C TYR C 52 21.56 39.18 12.20
N VAL C 53 20.62 40.14 12.13
CA VAL C 53 19.52 40.05 11.16
C VAL C 53 19.99 40.65 9.84
N CYS C 54 20.31 39.78 8.88
CA CYS C 54 20.76 40.26 7.57
C CYS C 54 19.54 40.66 6.74
N ASP C 55 19.48 41.93 6.31
CA ASP C 55 18.42 42.38 5.42
C ASP C 55 19.00 42.40 4.00
N VAL C 56 18.73 41.34 3.23
N VAL C 56 18.71 41.35 3.23
CA VAL C 56 19.38 41.18 1.94
CA VAL C 56 19.35 41.14 1.94
C VAL C 56 18.98 42.28 0.95
C VAL C 56 18.96 42.25 0.95
N LYS C 57 17.82 42.91 1.18
CA LYS C 57 17.42 43.99 0.28
C LYS C 57 18.19 45.28 0.59
N ASP C 58 18.86 45.34 1.74
CA ASP C 58 19.70 46.47 2.11
C ASP C 58 21.08 46.34 1.47
N GLU C 59 21.49 47.36 0.70
CA GLU C 59 22.72 47.24 -0.08
CA GLU C 59 22.73 47.26 -0.07
C GLU C 59 23.92 46.98 0.83
N LYS C 60 23.98 47.63 2.01
CA LYS C 60 25.12 47.45 2.90
CA LYS C 60 25.12 47.45 2.90
C LYS C 60 25.15 46.03 3.49
N ASP C 61 24.00 45.54 3.96
CA ASP C 61 24.00 44.20 4.53
C ASP C 61 24.32 43.18 3.43
N ARG C 62 23.80 43.43 2.21
CA ARG C 62 24.05 42.50 1.10
C ARG C 62 25.55 42.47 0.78
N SER C 63 26.20 43.65 0.81
CA SER C 63 27.62 43.72 0.50
CA SER C 63 27.62 43.76 0.53
C SER C 63 28.46 42.97 1.55
N GLU C 64 28.00 42.94 2.82
CA GLU C 64 28.79 42.28 3.83
CA GLU C 64 28.72 42.27 3.89
C GLU C 64 28.68 40.75 3.69
N ILE C 65 27.50 40.28 3.24
CA ILE C 65 27.31 38.86 2.92
C ILE C 65 28.22 38.56 1.74
N TYR C 66 28.14 39.40 0.71
CA TYR C 66 28.98 39.22 -0.48
C TYR C 66 30.46 39.03 -0.11
N THR C 67 30.99 39.92 0.72
CA THR C 67 32.42 39.86 1.05
C THR C 67 32.75 38.61 1.87
N LEU C 68 31.88 38.28 2.82
CA LEU C 68 32.10 37.07 3.59
C LEU C 68 32.26 35.84 2.68
N LEU C 69 31.32 35.70 1.73
CA LEU C 69 31.37 34.52 0.88
C LEU C 69 32.53 34.59 -0.12
N THR C 70 32.82 35.79 -0.65
CA THR C 70 33.92 35.92 -1.60
C THR C 70 35.22 35.43 -0.97
N ASP C 71 35.41 35.73 0.32
CA ASP C 71 36.68 35.40 0.98
C ASP C 71 36.67 34.01 1.62
N ASN C 72 35.48 33.49 1.95
CA ASN C 72 35.47 32.29 2.83
C ASN C 72 34.53 31.17 2.37
N TYR C 73 33.93 31.26 1.17
CA TYR C 73 32.98 30.21 0.71
C TYR C 73 33.70 29.00 0.09
N VAL C 74 32.93 28.16 -0.59
CA VAL C 74 33.30 26.84 -1.15
C VAL C 74 34.49 26.95 -2.09
N GLU C 75 35.48 26.12 -1.82
CA GLU C 75 36.58 25.93 -2.75
C GLU C 75 36.48 24.51 -3.33
N ASP C 76 37.06 24.28 -4.50
CA ASP C 76 37.21 22.89 -4.94
C ASP C 76 38.22 22.15 -4.05
N ASP C 77 38.25 20.82 -4.18
CA ASP C 77 39.12 20.01 -3.33
C ASP C 77 40.62 20.35 -3.51
N ASP C 78 41.04 20.84 -4.68
CA ASP C 78 42.43 21.21 -4.85
C ASP C 78 42.71 22.69 -4.60
N ASN C 79 41.71 23.44 -4.09
CA ASN C 79 41.92 24.85 -3.74
C ASN C 79 42.38 25.66 -4.96
N ILE C 80 41.84 25.38 -6.14
CA ILE C 80 42.15 26.14 -7.36
C ILE C 80 41.24 27.35 -7.46
N PHE C 81 40.01 27.15 -6.97
CA PHE C 81 38.92 28.07 -7.17
C PHE C 81 38.12 28.27 -5.88
N ARG C 82 37.54 29.46 -5.76
CA ARG C 82 36.58 29.70 -4.68
C ARG C 82 35.37 30.37 -5.31
N PHE C 83 34.15 29.87 -5.04
CA PHE C 83 32.98 30.52 -5.64
C PHE C 83 32.92 32.01 -5.29
N ASN C 84 32.43 32.79 -6.25
CA ASN C 84 32.33 34.23 -6.12
C ASN C 84 30.93 34.70 -6.56
N TYR C 85 29.90 34.26 -5.81
CA TYR C 85 28.53 34.67 -6.11
C TYR C 85 28.46 36.20 -6.02
N SER C 86 27.80 36.83 -7.03
CA SER C 86 27.74 38.28 -7.02
C SER C 86 26.70 38.77 -6.00
N ALA C 87 26.78 40.05 -5.64
CA ALA C 87 25.76 40.63 -4.76
C ALA C 87 24.38 40.52 -5.40
N GLU C 88 24.29 40.73 -6.72
CA GLU C 88 23.00 40.71 -7.38
C GLU C 88 22.45 39.29 -7.37
N PHE C 89 23.34 38.32 -7.52
CA PHE C 89 22.93 36.93 -7.49
C PHE C 89 22.36 36.59 -6.12
N LEU C 90 23.02 37.08 -5.06
CA LEU C 90 22.56 36.77 -3.71
C LEU C 90 21.19 37.37 -3.49
N LEU C 91 20.95 38.59 -4.01
CA LEU C 91 19.63 39.18 -3.91
C LEU C 91 18.58 38.27 -4.54
N TRP C 92 18.82 37.79 -5.77
CA TRP C 92 17.91 36.88 -6.45
C TRP C 92 17.72 35.58 -5.69
N ALA C 93 18.83 35.00 -5.16
CA ALA C 93 18.74 33.64 -4.62
C ALA C 93 17.98 33.64 -3.29
N LEU C 94 17.96 34.81 -2.61
CA LEU C 94 17.45 34.83 -1.23
C LEU C 94 16.05 35.46 -1.10
N THR C 95 15.57 36.16 -2.13
CA THR C 95 14.33 36.91 -2.00
C THR C 95 13.25 36.35 -2.91
N SER C 96 13.21 35.02 -3.05
CA SER C 96 12.19 34.34 -3.82
C SER C 96 10.82 34.48 -3.14
N PRO C 97 9.71 34.13 -3.80
CA PRO C 97 8.38 34.38 -3.22
C PRO C 97 8.18 33.83 -1.81
N ASN C 98 7.56 34.65 -0.96
CA ASN C 98 7.23 34.29 0.42
C ASN C 98 8.46 34.01 1.27
N TYR C 99 9.63 34.53 0.86
CA TYR C 99 10.82 34.35 1.68
C TYR C 99 10.64 34.95 3.09
N LEU C 100 11.42 34.42 4.04
CA LEU C 100 11.34 34.89 5.42
C LEU C 100 12.64 35.61 5.75
N LYS C 101 12.46 36.84 6.19
CA LYS C 101 13.66 37.56 6.68
CA LYS C 101 13.65 37.60 6.71
C LYS C 101 14.48 36.92 7.87
N THR C 102 13.67 36.16 8.65
CA THR C 102 14.22 35.46 9.79
C THR C 102 15.15 34.31 9.39
N TRP C 103 15.14 33.92 8.08
CA TRP C 103 15.94 32.79 7.65
C TRP C 103 17.20 33.23 6.93
N HIS C 104 17.55 34.51 7.05
CA HIS C 104 18.80 35.02 6.51
C HIS C 104 19.65 35.40 7.71
N ILE C 105 20.51 34.46 8.12
CA ILE C 105 21.09 34.57 9.48
C ILE C 105 22.57 34.86 9.41
N GLY C 106 22.98 35.99 10.02
CA GLY C 106 24.40 36.29 10.13
C GLY C 106 24.91 36.09 11.55
N VAL C 107 26.24 35.92 11.69
CA VAL C 107 26.91 35.99 12.99
C VAL C 107 28.01 37.03 12.85
N LYS C 108 27.98 38.01 13.77
CA LYS C 108 29.02 39.03 13.74
CA LYS C 108 28.97 39.09 13.78
C LYS C 108 29.97 38.85 14.89
N TYR C 109 31.24 39.26 14.66
CA TYR C 109 32.16 39.41 15.78
C TYR C 109 32.02 40.83 16.34
N ASP C 110 31.67 40.97 17.64
CA ASP C 110 31.32 42.27 18.19
C ASP C 110 32.52 43.23 18.15
N ALA C 111 33.74 42.70 18.23
CA ALA C 111 34.96 43.52 18.25
C ALA C 111 35.10 44.32 16.94
N SER C 112 34.65 43.71 15.82
CA SER C 112 34.98 44.24 14.49
C SER C 112 33.72 44.69 13.76
N ASN C 113 32.56 44.27 14.27
CA ASN C 113 31.30 44.50 13.57
C ASN C 113 31.35 43.89 12.18
N LYS C 114 32.08 42.79 12.01
CA LYS C 114 32.17 42.12 10.73
CA LYS C 114 32.14 42.13 10.72
C LYS C 114 31.44 40.78 10.79
N LEU C 115 30.82 40.40 9.67
CA LEU C 115 30.24 39.07 9.56
CA LEU C 115 30.25 39.06 9.55
C LEU C 115 31.35 38.02 9.55
N ILE C 116 31.18 36.97 10.37
CA ILE C 116 32.10 35.85 10.40
C ILE C 116 31.35 34.55 10.08
N GLY C 117 30.02 34.63 9.99
CA GLY C 117 29.24 33.42 9.70
C GLY C 117 27.91 33.81 9.03
N PHE C 118 27.34 32.87 8.26
CA PHE C 118 26.07 33.06 7.57
C PHE C 118 25.44 31.70 7.31
N ILE C 119 24.11 31.67 7.33
CA ILE C 119 23.38 30.53 6.78
C ILE C 119 22.05 31.08 6.30
N SER C 120 21.47 30.45 5.26
CA SER C 120 20.18 30.94 4.76
C SER C 120 19.27 29.78 4.40
N ALA C 121 17.98 30.10 4.30
CA ALA C 121 17.04 29.17 3.71
C ALA C 121 15.94 29.96 3.04
N ILE C 122 15.29 29.33 2.05
CA ILE C 122 14.10 29.93 1.41
C ILE C 122 13.05 28.84 1.37
N PRO C 123 11.74 29.17 1.42
CA PRO C 123 10.69 28.15 1.43
C PRO C 123 10.27 27.66 0.04
N THR C 124 10.01 26.34 -0.09
CA THR C 124 9.47 25.90 -1.36
C THR C 124 8.78 24.55 -1.14
N ASP C 125 7.82 24.22 -1.98
CA ASP C 125 7.17 22.91 -1.96
C ASP C 125 8.06 21.94 -2.71
N ILE C 126 8.41 20.82 -2.06
CA ILE C 126 9.27 19.80 -2.65
C ILE C 126 8.43 18.52 -2.76
N CYS C 127 8.42 17.92 -3.96
CA CYS C 127 7.82 16.63 -4.19
C CYS C 127 8.90 15.57 -4.08
N ILE C 128 8.77 14.67 -3.09
CA ILE C 128 9.72 13.58 -2.94
C ILE C 128 8.95 12.26 -3.09
N HIS C 129 9.32 11.39 -4.05
CA HIS C 129 8.59 10.14 -4.27
CA HIS C 129 8.58 10.14 -4.27
C HIS C 129 7.07 10.39 -4.27
N LYS C 130 6.67 11.41 -5.04
CA LYS C 130 5.27 11.72 -5.32
C LYS C 130 4.52 12.36 -4.16
N ARG C 131 5.16 12.64 -3.00
CA ARG C 131 4.51 13.37 -1.90
C ARG C 131 5.04 14.80 -1.89
N THR C 132 4.15 15.79 -1.82
CA THR C 132 4.56 17.19 -1.75
C THR C 132 4.59 17.68 -0.31
N ILE C 133 5.75 18.21 0.15
CA ILE C 133 5.97 18.66 1.51
C ILE C 133 6.48 20.10 1.42
N LYS C 134 5.99 20.96 2.31
CA LYS C 134 6.57 22.28 2.44
CA LYS C 134 6.56 22.28 2.46
C LYS C 134 7.95 22.15 3.09
N MET C 135 9.01 22.65 2.39
CA MET C 135 10.34 22.49 2.95
C MET C 135 11.09 23.82 2.99
N ALA C 136 12.17 23.84 3.78
CA ALA C 136 13.19 24.91 3.66
C ALA C 136 14.31 24.43 2.74
N GLU C 137 14.81 25.28 1.82
CA GLU C 137 15.97 24.93 1.01
C GLU C 137 17.16 25.69 1.60
N VAL C 138 18.11 24.97 2.20
CA VAL C 138 19.19 25.58 2.95
C VAL C 138 20.43 25.73 2.06
N ASN C 139 21.06 26.92 2.13
CA ASN C 139 22.20 27.18 1.26
C ASN C 139 23.04 28.29 1.89
N PHE C 140 24.28 28.46 1.41
CA PHE C 140 25.15 29.57 1.80
C PHE C 140 25.61 29.43 3.25
N LEU C 141 25.74 28.21 3.75
CA LEU C 141 26.39 28.05 5.06
C LEU C 141 27.88 28.37 4.95
N CYS C 142 28.36 29.31 5.80
CA CYS C 142 29.74 29.75 5.67
C CYS C 142 30.25 30.15 7.04
N VAL C 143 31.43 29.66 7.42
CA VAL C 143 32.14 30.19 8.59
C VAL C 143 33.51 30.71 8.13
N HIS C 144 33.91 31.88 8.66
CA HIS C 144 35.18 32.51 8.31
C HIS C 144 36.33 31.50 8.40
N LYS C 145 37.30 31.65 7.48
CA LYS C 145 38.45 30.76 7.50
C LYS C 145 39.21 30.70 8.82
N THR C 146 39.23 31.82 9.59
CA THR C 146 39.98 31.85 10.83
C THR C 146 39.26 31.14 11.99
N LEU C 147 38.02 30.71 11.76
CA LEU C 147 37.21 30.14 12.85
C LEU C 147 36.76 28.72 12.53
N ARG C 148 37.47 28.05 11.63
CA ARG C 148 37.07 26.70 11.26
C ARG C 148 37.38 25.67 12.36
N SER C 149 36.63 24.55 12.30
CA SER C 149 36.79 23.42 13.21
C SER C 149 36.57 23.78 14.70
N LYS C 150 35.71 24.76 14.96
CA LYS C 150 35.35 25.17 16.30
C LYS C 150 33.89 24.87 16.64
N ARG C 151 33.25 23.99 15.87
CA ARG C 151 31.85 23.59 16.10
C ARG C 151 30.89 24.79 15.97
N LEU C 152 31.22 25.80 15.16
CA LEU C 152 30.26 26.86 14.85
C LEU C 152 29.20 26.41 13.84
N ALA C 153 29.52 25.48 12.92
CA ALA C 153 28.55 25.12 11.88
C ALA C 153 27.30 24.48 12.51
N PRO C 154 27.40 23.55 13.47
CA PRO C 154 26.21 23.00 14.15
C PRO C 154 25.35 24.07 14.85
N VAL C 155 25.96 25.17 15.30
CA VAL C 155 25.17 26.21 15.95
C VAL C 155 24.32 26.90 14.90
N LEU C 156 24.93 27.24 13.75
CA LEU C 156 24.18 27.87 12.67
CA LEU C 156 24.19 27.88 12.66
C LEU C 156 23.05 26.96 12.19
N ILE C 157 23.36 25.65 12.07
CA ILE C 157 22.37 24.68 11.63
C ILE C 157 21.22 24.57 12.63
N LYS C 158 21.56 24.46 13.91
CA LYS C 158 20.51 24.34 14.92
C LYS C 158 19.66 25.60 14.99
N GLU C 159 20.28 26.78 14.86
CA GLU C 159 19.53 28.02 14.92
C GLU C 159 18.59 28.16 13.70
N ILE C 160 19.06 27.86 12.48
CA ILE C 160 18.13 27.97 11.36
C ILE C 160 17.04 26.92 11.46
N THR C 161 17.36 25.70 11.96
CA THR C 161 16.29 24.71 12.14
C THR C 161 15.21 25.28 13.05
N ARG C 162 15.64 25.89 14.18
CA ARG C 162 14.68 26.50 15.11
C ARG C 162 13.75 27.51 14.39
N ARG C 163 14.32 28.43 13.60
CA ARG C 163 13.50 29.47 12.97
C ARG C 163 12.58 28.92 11.87
N ILE C 164 13.01 27.81 11.24
CA ILE C 164 12.17 27.16 10.22
C ILE C 164 11.01 26.46 10.95
N ASN C 165 11.30 25.84 12.10
CA ASN C 165 10.28 25.15 12.85
C ASN C 165 9.21 26.13 13.34
N LEU C 166 9.58 27.41 13.58
CA LEU C 166 8.57 28.39 13.97
C LEU C 166 7.59 28.74 12.85
N GLU C 167 7.88 28.31 11.60
CA GLU C 167 6.97 28.44 10.48
C GLU C 167 6.20 27.14 10.26
N ASN C 168 6.24 26.23 11.26
CA ASN C 168 5.57 24.94 11.16
C ASN C 168 6.08 24.14 9.97
N ILE C 169 7.40 24.24 9.72
CA ILE C 169 8.04 23.51 8.63
C ILE C 169 9.08 22.61 9.29
N TRP C 170 9.07 21.31 8.92
CA TRP C 170 9.83 20.33 9.69
C TRP C 170 10.76 19.52 8.79
N GLN C 171 10.79 19.86 7.50
CA GLN C 171 11.68 19.17 6.52
C GLN C 171 12.52 20.20 5.76
N ALA C 172 13.73 19.81 5.35
CA ALA C 172 14.54 20.68 4.52
C ALA C 172 15.23 19.88 3.41
N ILE C 173 15.63 20.60 2.36
CA ILE C 173 16.44 20.01 1.30
C ILE C 173 17.73 20.81 1.25
N TYR C 174 18.86 20.13 1.04
CA TYR C 174 20.17 20.78 1.05
C TYR C 174 21.09 19.94 0.17
N THR C 175 22.08 20.60 -0.44
CA THR C 175 23.15 19.94 -1.17
C THR C 175 24.48 20.32 -0.55
N ALA C 176 25.48 19.44 -0.75
CA ALA C 176 26.87 19.75 -0.41
C ALA C 176 27.78 18.83 -1.19
N GLY C 177 29.03 19.25 -1.36
CA GLY C 177 30.07 18.40 -1.95
C GLY C 177 30.61 17.36 -0.98
N VAL C 178 30.44 17.61 0.31
CA VAL C 178 30.97 16.70 1.33
C VAL C 178 29.99 15.55 1.57
N TYR C 179 30.53 14.38 1.93
CA TYR C 179 29.75 13.18 2.21
C TYR C 179 29.30 13.17 3.67
N LEU C 180 27.97 13.25 3.89
CA LEU C 180 27.38 13.35 5.23
C LEU C 180 26.28 12.31 5.37
N PRO C 181 25.72 12.03 6.58
CA PRO C 181 24.58 11.12 6.66
C PRO C 181 23.29 11.79 6.20
N LYS C 182 22.58 11.20 5.21
CA LYS C 182 23.10 10.28 4.20
C LYS C 182 22.49 10.72 2.89
N PRO C 183 23.18 10.74 1.72
CA PRO C 183 22.57 11.26 0.50
C PRO C 183 21.29 10.51 0.09
N VAL C 184 20.31 11.26 -0.43
CA VAL C 184 19.21 10.63 -1.15
C VAL C 184 19.63 10.38 -2.60
N SER C 185 20.62 11.15 -3.06
CA SER C 185 21.18 10.96 -4.40
C SER C 185 22.53 11.65 -4.47
N ASP C 186 23.36 11.19 -5.41
CA ASP C 186 24.70 11.74 -5.62
C ASP C 186 24.82 12.03 -7.12
N ALA C 187 25.27 13.24 -7.43
CA ALA C 187 25.40 13.62 -8.85
C ALA C 187 26.79 14.15 -9.15
N ARG C 188 27.54 13.43 -10.02
CA ARG C 188 28.79 13.96 -10.53
C ARG C 188 28.56 15.21 -11.36
N TYR C 189 29.54 16.14 -11.28
CA TYR C 189 29.53 17.28 -12.19
C TYR C 189 30.50 17.07 -13.36
N TYR C 190 30.16 17.75 -14.46
CA TYR C 190 30.83 17.67 -15.76
C TYR C 190 31.04 19.08 -16.28
N HIS C 191 32.03 19.27 -17.18
CA HIS C 191 32.38 20.61 -17.61
C HIS C 191 32.52 20.56 -19.12
N ARG C 192 31.89 21.51 -19.85
CA ARG C 192 32.18 21.65 -21.27
C ARG C 192 33.00 22.91 -21.47
N SER C 193 34.24 22.75 -21.98
CA SER C 193 35.11 23.89 -22.20
CA SER C 193 35.09 23.91 -22.18
C SER C 193 34.60 24.82 -23.31
N ILE C 194 34.64 26.14 -23.06
CA ILE C 194 34.30 27.11 -24.08
C ILE C 194 35.56 27.93 -24.44
N ASN C 195 36.18 28.55 -23.45
CA ASN C 195 37.43 29.29 -23.65
CA ASN C 195 37.43 29.28 -23.67
C ASN C 195 38.58 28.33 -23.36
N VAL C 196 38.95 27.55 -24.38
CA VAL C 196 39.87 26.47 -24.22
C VAL C 196 41.22 26.98 -23.73
N LYS C 197 41.72 28.06 -24.33
CA LYS C 197 43.06 28.52 -23.98
C LYS C 197 43.12 28.87 -22.48
N LYS C 198 42.10 29.60 -22.00
CA LYS C 198 42.16 30.02 -20.59
C LYS C 198 42.05 28.84 -19.65
N LEU C 199 41.18 27.86 -19.98
CA LEU C 199 40.98 26.75 -19.07
C LEU C 199 42.27 25.94 -18.93
N ILE C 200 43.04 25.83 -20.02
CA ILE C 200 44.32 25.17 -19.93
C ILE C 200 45.29 26.00 -19.12
N GLU C 201 45.37 27.32 -19.36
CA GLU C 201 46.32 28.18 -18.64
C GLU C 201 46.13 28.05 -17.13
N ILE C 202 44.88 28.00 -16.69
CA ILE C 202 44.59 28.05 -15.26
C ILE C 202 44.63 26.66 -14.61
N GLY C 203 44.79 25.60 -15.39
CA GLY C 203 44.87 24.25 -14.83
C GLY C 203 43.49 23.67 -14.46
N PHE C 204 42.45 24.18 -15.12
CA PHE C 204 41.11 23.63 -14.97
C PHE C 204 41.06 22.32 -15.75
N SER C 205 41.59 22.35 -17.00
CA SER C 205 41.56 21.18 -17.85
C SER C 205 42.63 20.16 -17.43
N ARG C 221 35.37 23.29 -33.47
CA ARG C 221 34.85 24.67 -33.71
C ARG C 221 33.35 24.66 -33.40
N VAL C 222 32.89 25.61 -32.57
CA VAL C 222 31.47 25.71 -32.26
C VAL C 222 30.82 26.56 -33.35
N GLU C 223 29.81 26.02 -34.05
CA GLU C 223 29.09 26.76 -35.07
C GLU C 223 28.15 27.74 -34.38
N ASP C 224 28.22 29.01 -34.78
CA ASP C 224 27.43 30.08 -34.20
C ASP C 224 26.01 30.13 -34.75
N THR C 225 25.36 28.96 -34.85
CA THR C 225 23.99 28.91 -35.36
C THR C 225 23.20 27.93 -34.50
N LEU C 226 22.06 28.41 -33.99
CA LEU C 226 21.19 27.63 -33.13
C LEU C 226 20.49 26.55 -33.94
N ASN C 227 20.37 25.37 -33.33
CA ASN C 227 19.51 24.30 -33.83
C ASN C 227 18.03 24.69 -33.82
N ILE C 228 17.62 25.44 -32.80
CA ILE C 228 16.26 25.91 -32.63
C ILE C 228 16.28 27.42 -32.91
N LYS C 229 15.99 27.78 -34.17
CA LYS C 229 16.36 29.12 -34.63
C LYS C 229 15.69 30.21 -33.81
N ASN C 230 14.49 29.96 -33.24
CA ASN C 230 13.76 31.08 -32.64
C ASN C 230 13.97 31.17 -31.12
N MET C 231 14.91 30.40 -30.57
CA MET C 231 15.24 30.49 -29.16
CA MET C 231 15.23 30.50 -29.16
C MET C 231 15.59 31.94 -28.79
N ARG C 232 14.88 32.48 -27.79
CA ARG C 232 15.03 33.89 -27.47
C ARG C 232 14.89 34.12 -25.96
N LEU C 233 15.41 35.26 -25.47
CA LEU C 233 15.30 35.53 -24.04
C LEU C 233 13.83 35.57 -23.62
N MET C 234 13.58 34.96 -22.46
CA MET C 234 12.23 34.91 -21.87
C MET C 234 11.75 36.30 -21.49
N LYS C 235 10.46 36.52 -21.70
N LYS C 235 10.46 36.51 -21.68
CA LYS C 235 9.79 37.77 -21.33
CA LYS C 235 9.76 37.76 -21.34
C LYS C 235 8.64 37.47 -20.38
C LYS C 235 8.63 37.45 -20.36
N LYS C 236 8.10 38.51 -19.73
CA LYS C 236 7.01 38.31 -18.79
C LYS C 236 5.81 37.57 -19.38
N LYS C 237 5.45 37.87 -20.65
CA LYS C 237 4.32 37.20 -21.28
CA LYS C 237 4.33 37.20 -21.30
C LYS C 237 4.51 35.68 -21.35
N ASP C 238 5.76 35.21 -21.20
CA ASP C 238 6.06 33.78 -21.33
C ASP C 238 5.94 32.99 -20.02
N VAL C 239 5.69 33.67 -18.90
CA VAL C 239 5.64 33.01 -17.60
C VAL C 239 4.66 31.84 -17.59
N GLU C 240 3.39 32.07 -18.03
CA GLU C 240 2.40 31.01 -18.05
CA GLU C 240 2.41 31.00 -18.02
C GLU C 240 2.87 29.79 -18.85
N GLY C 241 3.46 30.04 -20.04
CA GLY C 241 3.89 28.94 -20.87
C GLY C 241 5.07 28.16 -20.28
N VAL C 242 6.00 28.87 -19.66
CA VAL C 242 7.12 28.20 -19.00
C VAL C 242 6.61 27.39 -17.78
N HIS C 243 5.63 27.94 -17.06
CA HIS C 243 5.05 27.25 -15.91
C HIS C 243 4.42 25.92 -16.36
N LYS C 244 3.68 25.95 -17.49
CA LYS C 244 3.07 24.74 -18.01
CA LYS C 244 3.07 24.73 -18.00
C LYS C 244 4.12 23.73 -18.49
N LEU C 245 5.11 24.23 -19.25
CA LEU C 245 6.08 23.30 -19.83
C LEU C 245 6.95 22.66 -18.74
N LEU C 246 7.52 23.50 -17.88
CA LEU C 246 8.43 22.95 -16.87
C LEU C 246 7.67 22.18 -15.80
N GLY C 247 6.51 22.70 -15.40
CA GLY C 247 5.74 21.97 -14.40
C GLY C 247 5.34 20.55 -14.87
N SER C 248 4.89 20.39 -16.12
CA SER C 248 4.58 19.05 -16.62
CA SER C 248 4.59 19.06 -16.63
C SER C 248 5.84 18.19 -16.70
N TYR C 249 6.95 18.78 -17.16
CA TYR C 249 8.21 18.05 -17.32
C TYR C 249 8.70 17.49 -16.00
N LEU C 250 8.58 18.27 -14.91
CA LEU C 250 9.24 17.85 -13.69
C LEU C 250 8.52 16.71 -12.96
N GLU C 251 7.23 16.47 -13.33
CA GLU C 251 6.43 15.45 -12.65
C GLU C 251 7.03 14.04 -12.74
N GLN C 252 7.89 13.81 -13.72
CA GLN C 252 8.44 12.48 -13.95
C GLN C 252 9.50 12.13 -12.89
N PHE C 253 10.05 13.12 -12.16
CA PHE C 253 11.23 12.88 -11.34
C PHE C 253 10.84 12.49 -9.91
N ASN C 254 11.79 11.92 -9.18
CA ASN C 254 11.59 11.48 -7.81
CA ASN C 254 11.62 11.48 -7.81
C ASN C 254 11.82 12.62 -6.80
N LEU C 255 12.38 13.75 -7.25
CA LEU C 255 12.67 14.84 -6.33
C LEU C 255 12.66 16.12 -7.17
N TYR C 256 11.73 17.03 -6.89
CA TYR C 256 11.65 18.27 -7.65
C TYR C 256 10.88 19.31 -6.87
N ALA C 257 11.09 20.59 -7.23
CA ALA C 257 10.27 21.64 -6.68
C ALA C 257 8.97 21.78 -7.46
N VAL C 258 7.90 22.10 -6.73
CA VAL C 258 6.58 22.29 -7.33
C VAL C 258 6.38 23.80 -7.49
N PHE C 259 6.74 24.35 -8.66
CA PHE C 259 6.81 25.79 -8.78
C PHE C 259 5.40 26.37 -8.96
N THR C 260 5.11 27.46 -8.26
CA THR C 260 3.92 28.23 -8.62
C THR C 260 4.27 29.17 -9.77
N LYS C 261 3.28 29.87 -10.31
CA LYS C 261 3.52 30.86 -11.35
CA LYS C 261 3.51 30.86 -11.35
C LYS C 261 4.45 31.98 -10.87
N GLU C 262 4.26 32.45 -9.62
CA GLU C 262 5.08 33.54 -9.11
CA GLU C 262 5.06 33.51 -9.00
C GLU C 262 6.52 33.04 -8.96
N GLU C 263 6.67 31.77 -8.62
CA GLU C 263 7.99 31.17 -8.51
C GLU C 263 8.66 31.07 -9.89
N ILE C 264 7.87 30.71 -10.92
CA ILE C 264 8.46 30.68 -12.27
C ILE C 264 8.96 32.06 -12.65
N ALA C 265 8.13 33.09 -12.42
CA ALA C 265 8.59 34.43 -12.76
C ALA C 265 9.89 34.81 -12.03
N HIS C 266 9.98 34.47 -10.73
CA HIS C 266 11.19 34.85 -9.98
C HIS C 266 12.42 34.06 -10.44
N TRP C 267 12.27 32.75 -10.60
CA TRP C 267 13.45 31.92 -10.83
C TRP C 267 13.92 31.97 -12.28
N PHE C 268 13.07 32.44 -13.22
CA PHE C 268 13.43 32.29 -14.63
C PHE C 268 13.47 33.61 -15.38
N LEU C 269 12.76 34.67 -14.95
CA LEU C 269 12.82 35.83 -15.83
C LEU C 269 14.25 36.36 -15.83
N PRO C 270 14.85 36.65 -17.00
CA PRO C 270 16.28 36.93 -17.03
C PRO C 270 16.78 38.16 -16.28
N ILE C 271 17.95 37.99 -15.64
CA ILE C 271 18.65 39.09 -14.96
C ILE C 271 20.10 39.00 -15.44
N GLU C 272 20.59 40.04 -16.12
CA GLU C 272 21.95 39.96 -16.65
CA GLU C 272 21.95 39.92 -16.65
C GLU C 272 22.94 39.53 -15.57
N ASN C 273 23.87 38.64 -15.95
CA ASN C 273 24.96 38.18 -15.09
C ASN C 273 24.43 37.42 -13.88
N VAL C 274 23.17 36.95 -13.94
CA VAL C 274 22.60 36.18 -12.83
C VAL C 274 21.89 34.94 -13.41
N ILE C 275 20.77 35.14 -14.14
CA ILE C 275 19.98 34.03 -14.65
C ILE C 275 19.61 34.33 -16.11
N TYR C 276 19.80 33.31 -16.95
CA TYR C 276 19.55 33.40 -18.40
C TYR C 276 18.53 32.32 -18.74
N THR C 277 17.38 32.74 -19.28
CA THR C 277 16.37 31.77 -19.70
C THR C 277 15.93 32.16 -21.09
N TYR C 278 15.91 31.14 -21.98
CA TYR C 278 15.53 31.30 -23.38
C TYR C 278 14.37 30.35 -23.65
N VAL C 279 13.47 30.79 -24.54
CA VAL C 279 12.29 30.00 -24.87
C VAL C 279 12.13 29.91 -26.39
N ASN C 280 11.47 28.84 -26.80
CA ASN C 280 11.02 28.71 -28.18
C ASN C 280 9.50 28.75 -28.21
N GLU C 281 8.93 29.82 -28.79
CA GLU C 281 7.47 29.96 -28.86
C GLU C 281 7.05 29.58 -30.27
N GLU C 282 6.27 28.53 -30.37
CA GLU C 282 5.65 28.09 -31.66
CA GLU C 282 5.67 28.09 -31.69
C GLU C 282 4.09 27.96 -31.65
N ASN C 283 3.49 28.79 -32.51
CA ASN C 283 2.04 28.81 -32.63
C ASN C 283 1.40 29.16 -31.28
N GLY C 284 1.87 30.24 -30.62
CA GLY C 284 1.32 30.68 -29.35
C GLY C 284 1.80 29.90 -28.13
N LYS C 285 2.54 28.81 -28.32
CA LYS C 285 2.87 27.99 -27.16
C LYS C 285 4.38 27.96 -26.88
N ILE C 286 4.77 27.93 -25.60
CA ILE C 286 6.18 27.70 -25.25
C ILE C 286 6.49 26.21 -25.31
N LYS C 287 7.37 25.80 -26.22
CA LYS C 287 7.60 24.38 -26.51
C LYS C 287 8.97 23.90 -26.07
N ASP C 288 9.91 24.82 -25.84
CA ASP C 288 11.24 24.41 -25.45
C ASP C 288 11.78 25.54 -24.59
N MET C 289 12.69 25.20 -23.67
CA MET C 289 13.31 26.22 -22.82
C MET C 289 14.72 25.78 -22.44
N ILE C 290 15.61 26.78 -22.33
CA ILE C 290 16.98 26.62 -21.82
C ILE C 290 17.18 27.59 -20.67
N SER C 291 17.85 27.14 -19.60
CA SER C 291 18.24 28.11 -18.57
C SER C 291 19.57 27.72 -17.94
N PHE C 292 20.35 28.74 -17.58
CA PHE C 292 21.60 28.56 -16.86
C PHE C 292 21.85 29.82 -16.03
N TYR C 293 22.49 29.63 -14.89
CA TYR C 293 22.86 30.75 -14.04
C TYR C 293 24.36 31.02 -14.07
N SER C 294 24.71 32.27 -13.73
CA SER C 294 26.09 32.75 -13.76
C SER C 294 26.72 32.69 -12.36
N LEU C 295 27.79 31.93 -12.20
CA LEU C 295 28.46 31.76 -10.91
C LEU C 295 29.97 31.76 -11.15
N PRO C 296 30.63 32.93 -11.05
CA PRO C 296 32.08 33.01 -11.27
C PRO C 296 32.78 32.26 -10.15
N SER C 297 34.01 31.77 -10.40
CA SER C 297 34.95 31.36 -9.35
C SER C 297 36.16 32.28 -9.39
N GLN C 298 36.58 32.73 -8.21
CA GLN C 298 37.88 33.37 -8.12
C GLN C 298 38.96 32.33 -8.36
N ILE C 299 39.98 32.66 -9.19
CA ILE C 299 41.06 31.72 -9.49
C ILE C 299 42.20 32.03 -8.48
N LEU C 300 42.39 31.13 -7.52
CA LEU C 300 43.16 31.51 -6.35
C LEU C 300 44.65 31.46 -6.69
N GLY C 301 45.36 32.48 -6.24
CA GLY C 301 46.82 32.52 -6.34
C GLY C 301 47.30 32.67 -7.79
N ASN C 302 46.42 33.13 -8.69
CA ASN C 302 46.76 33.26 -10.10
C ASN C 302 46.85 34.74 -10.45
N ASP C 303 48.05 35.17 -10.86
CA ASP C 303 48.31 36.58 -11.14
C ASP C 303 47.98 36.97 -12.59
N LYS C 304 47.57 35.98 -13.42
CA LYS C 304 47.33 36.23 -14.85
C LYS C 304 45.83 36.33 -15.13
N TYR C 305 45.05 35.48 -14.46
CA TYR C 305 43.60 35.46 -14.58
C TYR C 305 43.02 35.50 -13.17
N SER C 306 42.03 36.38 -12.97
CA SER C 306 41.46 36.48 -11.64
C SER C 306 40.13 35.75 -11.50
N THR C 307 39.34 35.63 -12.59
CA THR C 307 38.00 35.06 -12.44
C THR C 307 37.73 34.05 -13.55
N LEU C 308 37.12 32.92 -13.20
CA LEU C 308 36.55 31.99 -14.17
C LEU C 308 35.07 32.35 -14.33
N ASN C 309 34.65 32.67 -15.54
CA ASN C 309 33.27 33.06 -15.76
C ASN C 309 32.50 31.81 -16.20
N ALA C 310 31.65 31.25 -15.33
CA ALA C 310 31.09 29.92 -15.55
C ALA C 310 29.56 30.02 -15.61
N ALA C 311 28.96 29.26 -16.56
CA ALA C 311 27.53 29.07 -16.62
C ALA C 311 27.18 27.69 -16.08
N TYR C 312 26.12 27.63 -15.28
CA TYR C 312 25.66 26.36 -14.73
C TYR C 312 24.27 26.05 -15.24
N SER C 313 24.13 24.87 -15.85
CA SER C 313 22.85 24.36 -16.36
C SER C 313 21.83 24.37 -15.24
N PHE C 314 20.61 24.87 -15.57
CA PHE C 314 19.57 24.99 -14.57
C PHE C 314 18.44 24.06 -14.97
N TYR C 315 17.45 24.53 -15.74
CA TYR C 315 16.38 23.68 -16.22
C TYR C 315 16.22 23.81 -17.73
N ASN C 316 16.21 22.67 -18.41
CA ASN C 316 16.17 22.60 -19.86
C ASN C 316 15.14 21.56 -20.30
N VAL C 317 14.20 21.98 -21.17
CA VAL C 317 13.14 21.08 -21.64
C VAL C 317 13.02 21.26 -23.17
N THR C 318 12.89 20.14 -23.89
CA THR C 318 12.59 20.24 -25.32
C THR C 318 11.41 19.34 -25.67
N THR C 319 10.46 19.90 -26.45
CA THR C 319 9.42 19.07 -27.08
C THR C 319 9.45 19.12 -28.62
N THR C 320 10.36 19.90 -29.23
CA THR C 320 10.43 20.01 -30.69
C THR C 320 11.78 19.56 -31.23
N ALA C 321 12.71 19.21 -30.34
CA ALA C 321 14.06 18.86 -30.76
C ALA C 321 14.56 17.70 -29.92
N THR C 322 15.76 17.24 -30.23
CA THR C 322 16.37 16.27 -29.34
C THR C 322 17.01 16.97 -28.15
N PHE C 323 17.21 16.22 -27.05
CA PHE C 323 17.84 16.85 -25.90
C PHE C 323 19.30 17.21 -26.20
N LYS C 324 19.96 16.42 -27.04
CA LYS C 324 21.29 16.80 -27.49
C LYS C 324 21.25 18.14 -28.23
N GLN C 325 20.32 18.33 -29.17
CA GLN C 325 20.27 19.59 -29.93
C GLN C 325 19.99 20.76 -28.99
N LEU C 326 19.09 20.57 -28.01
CA LEU C 326 18.78 21.62 -27.02
C LEU C 326 20.01 22.00 -26.19
N MET C 327 20.77 21.00 -25.69
CA MET C 327 21.91 21.35 -24.85
C MET C 327 23.07 21.91 -25.69
N GLN C 328 23.13 21.52 -26.98
CA GLN C 328 24.08 22.15 -27.89
C GLN C 328 23.77 23.65 -28.01
N ASP C 329 22.47 23.97 -28.14
CA ASP C 329 22.08 25.37 -28.15
C ASP C 329 22.36 26.08 -26.82
N ALA C 330 22.17 25.40 -25.69
CA ALA C 330 22.50 25.97 -24.39
C ALA C 330 23.99 26.38 -24.33
N ILE C 331 24.89 25.49 -24.78
CA ILE C 331 26.32 25.78 -24.82
C ILE C 331 26.57 26.99 -25.72
N LEU C 332 25.93 27.05 -26.91
CA LEU C 332 26.16 28.17 -27.82
C LEU C 332 25.69 29.46 -27.13
N LEU C 333 24.54 29.40 -26.45
CA LEU C 333 24.05 30.64 -25.85
C LEU C 333 25.00 31.07 -24.71
N ALA C 334 25.57 30.09 -24.00
CA ALA C 334 26.56 30.44 -22.99
C ALA C 334 27.79 31.08 -23.66
N LYS C 335 28.22 30.52 -24.81
CA LYS C 335 29.40 31.09 -25.47
C LYS C 335 29.08 32.51 -25.94
N ARG C 336 27.86 32.73 -26.47
CA ARG C 336 27.47 34.07 -26.92
C ARG C 336 27.46 35.10 -25.79
N ASN C 337 27.28 34.61 -24.54
CA ASN C 337 27.25 35.49 -23.37
C ASN C 337 28.58 35.53 -22.63
N ASN C 338 29.67 35.08 -23.28
CA ASN C 338 31.05 35.26 -22.88
CA ASN C 338 31.04 35.32 -22.86
C ASN C 338 31.45 34.41 -21.68
N PHE C 339 30.74 33.27 -21.51
CA PHE C 339 31.16 32.34 -20.47
C PHE C 339 32.38 31.52 -20.90
N ASP C 340 33.23 31.14 -19.95
CA ASP C 340 34.44 30.36 -20.24
C ASP C 340 34.18 28.86 -20.25
N VAL C 341 33.12 28.41 -19.54
CA VAL C 341 32.89 27.00 -19.30
C VAL C 341 31.39 26.85 -19.01
N PHE C 342 30.84 25.69 -19.35
CA PHE C 342 29.45 25.36 -19.09
C PHE C 342 29.43 24.11 -18.23
N ASN C 343 28.85 24.21 -17.02
CA ASN C 343 28.94 23.17 -16.03
C ASN C 343 27.56 22.54 -15.86
N ALA C 344 27.50 21.21 -15.70
CA ALA C 344 26.22 20.54 -15.54
C ALA C 344 26.41 19.32 -14.62
N LEU C 345 25.35 18.96 -13.93
CA LEU C 345 25.34 17.76 -13.08
C LEU C 345 24.69 16.62 -13.87
N GLU C 346 24.86 15.38 -13.43
CA GLU C 346 24.19 14.23 -14.09
C GLU C 346 22.76 14.03 -13.54
N VAL C 347 21.95 15.09 -13.56
CA VAL C 347 20.54 15.07 -13.10
C VAL C 347 19.65 15.20 -14.34
N MET C 348 18.37 14.88 -14.18
CA MET C 348 17.40 14.91 -15.28
C MET C 348 17.96 14.15 -16.50
N GLN C 349 17.90 14.73 -17.69
CA GLN C 349 18.36 14.02 -18.92
C GLN C 349 19.81 14.33 -19.27
N ASN C 350 20.52 15.02 -18.37
CA ASN C 350 21.83 15.54 -18.73
C ASN C 350 22.85 14.44 -19.10
N LYS C 351 22.89 13.32 -18.39
CA LYS C 351 24.02 12.40 -18.61
C LYS C 351 24.01 11.89 -20.06
N SER C 352 22.81 11.80 -20.64
CA SER C 352 22.67 11.26 -22.02
C SER C 352 23.42 12.08 -23.06
N VAL C 353 23.79 13.34 -22.78
CA VAL C 353 24.40 14.16 -23.82
C VAL C 353 25.88 14.43 -23.55
N PHE C 354 26.39 14.00 -22.40
CA PHE C 354 27.72 14.43 -22.01
C PHE C 354 28.79 13.94 -22.99
N GLU C 355 28.69 12.68 -23.45
CA GLU C 355 29.72 12.13 -24.34
C GLU C 355 29.73 12.87 -25.68
N ASP C 356 28.56 12.96 -26.32
CA ASP C 356 28.41 13.58 -27.64
C ASP C 356 28.74 15.07 -27.62
N LEU C 357 28.47 15.75 -26.49
CA LEU C 357 28.73 17.17 -26.46
C LEU C 357 30.06 17.52 -25.79
N LYS C 358 30.94 16.52 -25.61
CA LYS C 358 32.34 16.79 -25.29
C LYS C 358 32.48 17.37 -23.88
N PHE C 359 31.61 16.94 -22.96
CA PHE C 359 31.76 17.27 -21.56
C PHE C 359 32.82 16.36 -20.95
N GLY C 360 33.72 16.92 -20.13
CA GLY C 360 34.60 16.04 -19.35
C GLY C 360 34.05 15.83 -17.95
N GLU C 361 34.18 14.61 -17.42
CA GLU C 361 33.81 14.33 -16.03
C GLU C 361 34.69 15.16 -15.09
N GLY C 362 34.10 15.78 -14.07
CA GLY C 362 34.83 16.52 -13.05
C GLY C 362 35.50 15.58 -12.03
N ASP C 363 35.94 16.15 -10.90
CA ASP C 363 36.65 15.25 -10.00
CA ASP C 363 36.73 15.45 -9.90
C ASP C 363 35.87 15.00 -8.73
N GLY C 364 34.58 15.35 -8.74
CA GLY C 364 33.78 14.97 -7.59
C GLY C 364 32.29 15.08 -7.90
N SER C 365 31.53 15.13 -6.82
CA SER C 365 30.08 15.08 -6.98
C SER C 365 29.39 15.99 -5.96
N LEU C 366 28.12 16.31 -6.25
CA LEU C 366 27.27 17.07 -5.34
C LEU C 366 26.25 16.09 -4.77
N LYS C 367 26.15 16.03 -3.43
CA LYS C 367 25.20 15.15 -2.76
C LYS C 367 23.91 15.91 -2.44
N TYR C 368 22.78 15.26 -2.68
CA TYR C 368 21.47 15.77 -2.30
C TYR C 368 21.04 15.12 -0.99
N TYR C 369 20.53 15.94 -0.06
CA TYR C 369 20.08 15.48 1.24
C TYR C 369 18.70 16.03 1.59
N LEU C 370 17.97 15.25 2.40
CA LEU C 370 16.76 15.73 3.06
C LEU C 370 16.99 15.68 4.58
N TYR C 371 16.37 16.65 5.29
CA TYR C 371 16.34 16.66 6.74
C TYR C 371 14.97 16.16 7.19
N ASN C 372 14.98 15.19 8.13
CA ASN C 372 13.78 14.69 8.78
C ASN C 372 12.87 14.04 7.72
N TRP C 373 13.51 13.26 6.85
CA TRP C 373 12.77 12.50 5.86
C TRP C 373 13.50 11.21 5.54
N LYS C 374 12.73 10.12 5.64
CA LYS C 374 13.17 8.77 5.33
CA LYS C 374 13.26 8.81 5.27
C LYS C 374 12.58 8.30 4.00
N CYS C 375 13.44 7.88 3.07
CA CYS C 375 12.99 7.30 1.80
C CYS C 375 14.15 6.59 1.14
N ALA C 376 13.82 5.77 0.13
CA ALA C 376 14.88 5.12 -0.64
C ALA C 376 15.71 6.16 -1.41
N SER C 377 17.03 5.93 -1.44
CA SER C 377 17.90 6.69 -2.33
C SER C 377 17.63 6.33 -3.79
N PHE C 378 18.20 7.10 -4.73
CA PHE C 378 17.93 6.92 -6.16
C PHE C 378 19.09 7.49 -6.97
N ALA C 379 19.23 6.93 -8.20
CA ALA C 379 20.17 7.42 -9.20
C ALA C 379 19.85 8.87 -9.56
N PRO C 380 20.86 9.69 -9.88
CA PRO C 380 20.68 11.12 -10.12
C PRO C 380 19.84 11.46 -11.35
N ALA C 381 19.67 10.51 -12.30
CA ALA C 381 18.74 10.73 -13.42
C ALA C 381 17.33 10.97 -12.88
N HIS C 382 17.05 10.56 -11.65
CA HIS C 382 15.73 10.73 -11.06
C HIS C 382 15.66 12.01 -10.23
N VAL C 383 16.74 12.77 -10.11
CA VAL C 383 16.70 14.11 -9.50
C VAL C 383 16.24 15.14 -10.52
N GLY C 384 15.27 15.99 -10.10
CA GLY C 384 14.67 16.98 -10.97
C GLY C 384 14.78 18.37 -10.36
N ILE C 385 15.83 18.59 -9.55
CA ILE C 385 16.00 19.90 -8.89
C ILE C 385 17.49 20.26 -8.92
N VAL C 386 17.79 21.56 -9.12
CA VAL C 386 19.13 22.10 -9.06
C VAL C 386 19.13 23.23 -8.02
N LEU C 387 19.98 23.13 -6.98
CA LEU C 387 20.14 24.20 -6.00
C LEU C 387 21.30 25.09 -6.42
N LEU C 388 21.27 26.34 -5.97
CA LEU C 388 22.22 27.31 -6.52
C LEU C 388 23.60 27.16 -5.89
#